data_4R5X
#
_entry.id   4R5X
#
_cell.length_a   75.447
_cell.length_b   109.066
_cell.length_c   117.649
_cell.angle_alpha   90.000
_cell.angle_beta   90.000
_cell.angle_gamma   90.000
#
_symmetry.space_group_name_H-M   'P 21 21 21'
#
loop_
_entity.id
_entity.type
_entity.pdbx_description
1 polymer 'M1 family aminopeptidase'
2 non-polymer 'ZINC ION'
3 non-polymer GLYCEROL
4 non-polymer 'MAGNESIUM ION'
5 non-polymer 3-amino-N-{(1R)-2-(hydroxyamino)-2-oxo-1-[4-(1H-pyrazol-1-yl)phenyl]ethyl}benzamide
6 non-polymer 'DIMETHYL SULFOXIDE'
7 water water
#
_entity_poly.entity_id   1
_entity_poly.type   'polypeptide(L)'
_entity_poly.pdbx_seq_one_letter_code
;NNNNNNSVVVKKNEPKIHYRKDYKPSGFIINQVTLNINIHDQETIVRSVLDMDISKHNVGEDLVFDGVGLKINEISINNK
KLVEGEEYTYDNEFLTIFSKFVPKSKFAFSSEVIIHPETNYALTGLYKSKNIIVSQCEATGFRRITFFIDRPDMMAKYDV
TVTADKEKYPVLLSNGDKVNEFEIPGGRHGARFNDPPLKPCYLFAVVAGDLKHLSATYITKYTKKKVELYVFSEEKYVSK
LQWALECLKKSMAFDEDYFGLEYDLSRLNLVAVSDFNVGAMENKGLNIFNANSLLASKKNSIDFSYARILTVVGHEYFHQ
YTGNRVTLRDWFQLTLKEGLTVHRENLFSEEMTKTVTTRLSHVDLLRSVQFLEDSSPLSHPIRPESYVSMENFYTTTVYD
KGSEVMRMYLTILGEEYYKKGFDIYIKKNDGNTATCEDFNYAMEQAYKMKKADNSANLNQYLLWFSQSGTPHVSFKYNYD
AEKKQYSIHVNQYTKPDENQKEKKPLFIPISVGLINPENGKEMISQTTLELTKESDTFVFNNIAVKPIPSLFRGFSAPVY
IEDQLTDEERILLLKYDSDAFVRYNSCTNIYMKQILMNYNEFLKAKNEKLESFQLTPVNAQFIDAIKYLLEDPHADAGFK
SYIVSLPQDRYIINFVSNLDTDVLADTKEYIYKQIGDKLNDVYYKMFKSLEAKADDLTYFNDESHVDFDQMNMRTLRNTL
LSLLSKAQYPNILNEIIEHSKSPYPSNWLTSLSVSAYFDKYFELYDKTYKLSKDDELLLQEWLKTVSRSDRKDIYEILKK
LENEVLKDSKNPNDIRAVYLPFTNNLRRFHDISGKGYKLIAEVITKTDKFNPMVATQLCEPFKLWNKLDTKRQELMLNEM
NTMLQEPQISNNLKEYLLRLTNK
;
_entity_poly.pdbx_strand_id   A
#
# COMPACT_ATOMS: atom_id res chain seq x y z
N LYS A 16 -11.21 -5.36 24.42
CA LYS A 16 -11.47 -3.94 24.63
C LYS A 16 -11.64 -3.23 23.29
N ILE A 17 -12.76 -2.53 23.14
CA ILE A 17 -13.05 -1.83 21.89
C ILE A 17 -13.01 -0.33 22.13
N HIS A 18 -12.31 0.39 21.25
CA HIS A 18 -12.19 1.83 21.34
C HIS A 18 -13.13 2.51 20.36
N TYR A 19 -13.88 3.49 20.84
CA TYR A 19 -14.84 4.17 19.98
C TYR A 19 -14.41 5.59 19.68
N ARG A 20 -14.56 5.99 18.41
CA ARG A 20 -14.21 7.33 17.97
C ARG A 20 -14.94 8.41 18.74
N LYS A 21 -16.21 8.16 19.06
CA LYS A 21 -17.04 9.17 19.71
C LYS A 21 -16.64 9.37 21.18
N ASP A 22 -15.81 8.48 21.70
CA ASP A 22 -15.41 8.52 23.10
C ASP A 22 -14.17 9.34 23.38
N TYR A 23 -13.64 10.01 22.36
CA TYR A 23 -12.41 10.76 22.53
C TYR A 23 -12.51 11.75 23.71
N LYS A 24 -11.50 11.74 24.56
CA LYS A 24 -11.37 12.73 25.61
C LYS A 24 -9.90 12.98 25.83
N PRO A 25 -9.53 14.26 25.98
CA PRO A 25 -8.15 14.64 26.33
C PRO A 25 -7.69 13.98 27.63
N SER A 26 -6.41 13.62 27.67
CA SER A 26 -5.81 13.06 28.88
C SER A 26 -5.95 14.00 30.07
N GLY A 27 -6.10 13.43 31.27
CA GLY A 27 -6.00 14.19 32.50
C GLY A 27 -4.56 14.47 32.91
N PHE A 28 -3.62 14.13 32.04
CA PHE A 28 -2.21 14.35 32.29
C PHE A 28 -1.47 14.99 31.13
N ILE A 29 -0.31 15.55 31.46
CA ILE A 29 0.57 16.15 30.48
C ILE A 29 1.98 15.55 30.64
N ILE A 30 2.62 15.25 29.52
CA ILE A 30 4.03 14.88 29.53
C ILE A 30 4.80 15.95 28.77
N ASN A 31 5.62 16.73 29.48
CA ASN A 31 6.30 17.85 28.84
C ASN A 31 7.67 17.47 28.30
N GLN A 32 8.37 16.57 29.01
CA GLN A 32 9.72 16.20 28.62
C GLN A 32 9.99 14.74 28.88
N VAL A 33 10.66 14.11 27.92
CA VAL A 33 11.09 12.72 28.04
C VAL A 33 12.61 12.70 28.01
N THR A 34 13.23 12.10 29.02
CA THR A 34 14.68 11.93 29.00
C THR A 34 15.02 10.44 29.08
N LEU A 35 15.56 9.91 28.00
CA LEU A 35 15.81 8.48 27.87
C LEU A 35 17.30 8.10 27.89
N ASN A 36 17.58 6.98 28.52
CA ASN A 36 18.87 6.35 28.45
C ASN A 36 18.62 4.91 28.05
N ILE A 37 19.08 4.56 26.85
CA ILE A 37 18.87 3.21 26.31
C ILE A 37 20.22 2.48 26.24
N ASN A 38 20.40 1.49 27.12
CA ASN A 38 21.68 0.82 27.21
C ASN A 38 21.61 -0.60 26.67
N ILE A 39 22.19 -0.77 25.49
CA ILE A 39 22.08 -2.03 24.76
C ILE A 39 23.22 -2.98 25.15
N HIS A 40 22.87 -4.14 25.67
CA HIS A 40 23.86 -5.16 26.00
C HIS A 40 23.55 -6.43 25.23
N ASP A 41 24.45 -7.41 25.31
CA ASP A 41 24.35 -8.62 24.50
C ASP A 41 23.04 -9.37 24.73
N GLN A 42 22.66 -9.54 25.99
CA GLN A 42 21.48 -10.34 26.29
C GLN A 42 20.34 -9.54 26.92
N GLU A 43 20.44 -8.21 26.93
CA GLU A 43 19.38 -7.37 27.47
C GLU A 43 19.58 -5.91 27.13
N THR A 44 18.47 -5.16 27.09
CA THR A 44 18.56 -3.71 26.94
C THR A 44 17.85 -3.04 28.10
N ILE A 45 18.61 -2.21 28.79
CA ILE A 45 18.10 -1.45 29.93
C ILE A 45 17.64 -0.06 29.48
N VAL A 46 16.39 0.26 29.78
CA VAL A 46 15.85 1.56 29.42
C VAL A 46 15.48 2.33 30.67
N ARG A 47 16.15 3.47 30.87
CA ARG A 47 15.81 4.37 31.95
C ARG A 47 15.14 5.61 31.41
N SER A 48 14.06 6.01 32.05
CA SER A 48 13.25 7.08 31.50
C SER A 48 12.75 8.00 32.59
N VAL A 49 12.93 9.31 32.40
CA VAL A 49 12.37 10.30 33.28
C VAL A 49 11.39 11.12 32.48
N LEU A 50 10.15 11.17 32.95
CA LEU A 50 9.09 11.95 32.33
C LEU A 50 8.75 13.16 33.19
N ASP A 51 8.96 14.36 32.66
CA ASP A 51 8.55 15.57 33.38
C ASP A 51 7.09 15.81 33.07
N MET A 52 6.25 15.64 34.07
CA MET A 52 4.82 15.64 33.83
C MET A 52 4.08 16.74 34.57
N ASP A 53 2.81 16.90 34.20
CA ASP A 53 1.92 17.83 34.88
C ASP A 53 0.51 17.24 34.88
N ILE A 54 -0.39 17.96 35.51
CA ILE A 54 -1.81 17.63 35.56
C ILE A 54 -2.55 18.54 34.58
N SER A 55 -3.41 17.98 33.73
CA SER A 55 -4.14 18.82 32.77
C SER A 55 -5.44 19.38 33.38
N LYS A 56 -6.10 20.26 32.63
CA LYS A 56 -7.36 20.86 33.08
C LYS A 56 -8.50 19.86 33.05
N HIS A 57 -8.30 18.77 32.34
CA HIS A 57 -9.32 17.74 32.22
C HIS A 57 -9.20 16.70 33.31
N ASN A 58 -8.24 16.88 34.21
CA ASN A 58 -8.03 15.92 35.27
C ASN A 58 -9.18 15.95 36.28
N VAL A 59 -9.54 14.78 36.80
CA VAL A 59 -10.67 14.67 37.73
C VAL A 59 -10.31 13.75 38.91
N GLY A 60 -9.03 13.65 39.20
CA GLY A 60 -8.57 12.88 40.34
C GLY A 60 -8.30 11.42 40.03
N GLU A 61 -8.21 11.07 38.75
CA GLU A 61 -8.06 9.68 38.35
C GLU A 61 -6.68 9.09 38.67
N ASP A 62 -6.60 7.76 38.68
CA ASP A 62 -5.32 7.07 38.72
C ASP A 62 -4.41 7.53 37.57
N LEU A 63 -3.10 7.47 37.78
CA LEU A 63 -2.17 7.68 36.67
C LEU A 63 -1.88 6.33 35.99
N VAL A 64 -2.37 6.16 34.76
CA VAL A 64 -2.22 4.90 34.05
C VAL A 64 -1.32 5.04 32.84
N PHE A 65 -0.22 4.30 32.84
CA PHE A 65 0.70 4.25 31.71
C PHE A 65 0.52 2.97 30.91
N ASP A 66 0.70 3.11 29.60
CA ASP A 66 0.89 1.95 28.75
C ASP A 66 2.29 1.41 28.92
N GLY A 67 2.40 0.09 29.00
CA GLY A 67 3.71 -0.53 29.00
C GLY A 67 3.51 -2.00 28.78
N VAL A 68 3.98 -2.51 27.65
CA VAL A 68 3.75 -3.90 27.28
C VAL A 68 5.04 -4.70 27.31
N GLY A 69 5.07 -5.75 28.12
CA GLY A 69 6.17 -6.68 28.14
C GLY A 69 7.43 -6.12 28.79
N LEU A 70 7.27 -5.12 29.65
CA LEU A 70 8.43 -4.50 30.27
C LEU A 70 8.74 -5.24 31.57
N LYS A 71 10.01 -5.43 31.88
CA LYS A 71 10.39 -5.97 33.19
C LYS A 71 10.80 -4.80 34.06
N ILE A 72 10.05 -4.56 35.13
CA ILE A 72 10.32 -3.42 36.01
C ILE A 72 11.48 -3.69 36.96
N ASN A 73 12.51 -2.86 36.88
CA ASN A 73 13.55 -2.85 37.88
C ASN A 73 13.15 -1.91 39.03
N GLU A 74 12.60 -0.77 38.67
CA GLU A 74 12.05 0.16 39.65
C GLU A 74 11.28 1.29 38.99
N ILE A 75 10.36 1.87 39.75
CA ILE A 75 9.66 3.08 39.31
C ILE A 75 9.57 4.06 40.47
N SER A 76 9.40 5.33 40.12
CA SER A 76 9.49 6.38 41.13
C SER A 76 8.71 7.61 40.72
N ILE A 77 8.25 8.35 41.72
CA ILE A 77 7.68 9.67 41.50
C ILE A 77 8.48 10.66 42.33
N ASN A 78 9.06 11.67 41.68
CA ASN A 78 9.91 12.65 42.35
C ASN A 78 11.06 12.00 43.13
N ASN A 79 11.74 11.04 42.49
CA ASN A 79 12.92 10.37 43.05
C ASN A 79 12.64 9.49 44.27
N LYS A 80 11.38 9.17 44.52
CA LYS A 80 11.04 8.21 45.57
C LYS A 80 10.47 6.91 44.99
N LYS A 81 11.00 5.75 45.39
CA LYS A 81 10.54 4.48 44.82
C LYS A 81 9.11 4.18 45.24
N LEU A 82 8.30 3.70 44.28
CA LEU A 82 6.93 3.27 44.55
C LEU A 82 6.90 1.79 44.90
N VAL A 83 5.89 1.38 45.66
CA VAL A 83 5.82 0.01 46.16
C VAL A 83 4.68 -0.72 45.49
N GLU A 84 4.97 -1.86 44.87
CA GLU A 84 3.93 -2.61 44.15
C GLU A 84 2.86 -3.15 45.10
N GLY A 85 1.62 -3.11 44.65
CA GLY A 85 0.51 -3.62 45.44
C GLY A 85 -0.11 -2.51 46.25
N GLU A 86 0.72 -1.78 46.99
CA GLU A 86 0.22 -0.69 47.82
C GLU A 86 0.01 0.60 47.03
N GLU A 87 0.94 0.89 46.12
CA GLU A 87 0.94 2.17 45.40
C GLU A 87 0.71 2.02 43.91
N TYR A 88 1.06 0.86 43.37
CA TYR A 88 0.84 0.62 41.94
C TYR A 88 0.59 -0.85 41.65
N THR A 89 0.00 -1.11 40.49
CA THR A 89 -0.12 -2.45 39.96
C THR A 89 0.39 -2.44 38.53
N TYR A 90 0.92 -3.57 38.07
CA TYR A 90 1.34 -3.70 36.68
C TYR A 90 1.00 -5.10 36.19
N ASP A 91 0.30 -5.18 35.07
CA ASP A 91 -0.22 -6.45 34.56
C ASP A 91 0.36 -6.84 33.19
N ASN A 92 1.52 -6.26 32.87
CA ASN A 92 2.23 -6.45 31.60
C ASN A 92 1.61 -5.70 30.44
N GLU A 93 0.63 -4.85 30.74
CA GLU A 93 -0.02 -4.04 29.72
C GLU A 93 -0.24 -2.59 30.18
N PHE A 94 -0.72 -2.43 31.41
CA PHE A 94 -0.93 -1.12 31.99
C PHE A 94 -0.22 -1.03 33.35
N LEU A 95 0.44 0.09 33.58
CA LEU A 95 0.98 0.39 34.88
C LEU A 95 0.00 1.36 35.56
N THR A 96 -0.57 0.97 36.70
CA THR A 96 -1.57 1.82 37.36
C THR A 96 -1.02 2.35 38.66
N ILE A 97 -0.85 3.67 38.76
CA ILE A 97 -0.42 4.31 40.01
C ILE A 97 -1.64 4.98 40.66
N PHE A 98 -2.01 4.52 41.85
CA PHE A 98 -3.27 4.95 42.47
C PHE A 98 -3.19 6.45 42.76
N SER A 99 -4.31 7.14 42.55
CA SER A 99 -4.32 8.60 42.55
C SER A 99 -3.76 9.25 43.82
N LYS A 100 -3.96 8.63 44.98
CA LYS A 100 -3.49 9.22 46.24
C LYS A 100 -1.97 9.39 46.24
N PHE A 101 -1.28 8.67 45.36
CA PHE A 101 0.17 8.77 45.29
C PHE A 101 0.63 9.61 44.10
N VAL A 102 -0.34 10.17 43.38
CA VAL A 102 -0.07 11.03 42.24
C VAL A 102 -0.13 12.50 42.67
N PRO A 103 0.95 13.26 42.41
CA PRO A 103 1.05 14.69 42.78
C PRO A 103 0.00 15.52 42.04
N LYS A 104 -0.26 16.74 42.49
CA LYS A 104 -1.31 17.55 41.87
C LYS A 104 -0.77 18.77 41.14
N SER A 105 0.55 18.90 41.12
CA SER A 105 1.23 19.90 40.30
C SER A 105 2.31 19.19 39.51
N LYS A 106 3.24 19.95 38.94
CA LYS A 106 4.28 19.38 38.09
C LYS A 106 5.16 18.40 38.86
N PHE A 107 5.36 17.23 38.28
CA PHE A 107 6.12 16.16 38.94
C PHE A 107 6.97 15.35 37.95
N ALA A 108 7.91 14.58 38.46
CA ALA A 108 8.70 13.68 37.62
C ALA A 108 8.34 12.22 37.88
N PHE A 109 8.10 11.48 36.81
CA PHE A 109 7.96 10.04 36.91
C PHE A 109 9.21 9.41 36.29
N SER A 110 9.77 8.41 36.96
CA SER A 110 10.94 7.76 36.41
C SER A 110 10.83 6.24 36.51
N SER A 111 11.52 5.54 35.62
CA SER A 111 11.50 4.09 35.62
C SER A 111 12.75 3.55 35.00
N GLU A 112 13.07 2.30 35.34
CA GLU A 112 14.10 1.57 34.65
C GLU A 112 13.50 0.21 34.35
N VAL A 113 13.48 -0.16 33.07
CA VAL A 113 12.95 -1.45 32.68
C VAL A 113 13.95 -2.19 31.82
N ILE A 114 13.72 -3.50 31.71
CA ILE A 114 14.53 -4.31 30.84
C ILE A 114 13.67 -4.86 29.72
N ILE A 115 14.21 -4.79 28.50
CA ILE A 115 13.57 -5.35 27.30
C ILE A 115 14.61 -6.16 26.54
N HIS A 116 14.16 -6.89 25.53
CA HIS A 116 15.04 -7.84 24.86
C HIS A 116 14.86 -7.82 23.36
N PRO A 117 15.50 -6.85 22.69
CA PRO A 117 15.32 -6.73 21.24
C PRO A 117 15.81 -7.98 20.48
N GLU A 118 16.77 -8.70 21.03
CA GLU A 118 17.30 -9.86 20.34
C GLU A 118 16.25 -10.95 20.11
N THR A 119 15.23 -11.01 20.97
CA THR A 119 14.19 -12.02 20.82
C THR A 119 12.84 -11.43 20.44
N ASN A 120 12.86 -10.17 20.03
CA ASN A 120 11.64 -9.49 19.64
C ASN A 120 11.38 -9.74 18.17
N TYR A 121 10.71 -10.86 17.88
CA TYR A 121 10.46 -11.28 16.49
C TYR A 121 9.18 -10.69 15.92
N ALA A 122 8.44 -9.94 16.72
CA ALA A 122 7.22 -9.30 16.25
C ALA A 122 7.55 -7.98 15.55
N LEU A 123 8.77 -7.50 15.76
CA LEU A 123 9.30 -6.37 15.00
C LEU A 123 8.48 -5.10 15.27
N THR A 124 8.07 -4.95 16.53
CA THR A 124 7.39 -3.75 16.99
C THR A 124 8.07 -3.36 18.30
N GLY A 125 8.20 -2.07 18.55
CA GLY A 125 9.02 -1.65 19.68
C GLY A 125 10.48 -1.65 19.27
N LEU A 126 11.37 -2.06 20.16
CA LEU A 126 12.80 -2.15 19.85
C LEU A 126 13.16 -3.57 19.48
N TYR A 127 13.78 -3.77 18.32
CA TYR A 127 14.14 -5.13 17.94
C TYR A 127 15.41 -5.22 17.14
N LYS A 128 15.95 -6.43 17.06
CA LYS A 128 17.17 -6.69 16.32
C LYS A 128 16.85 -7.29 14.96
N SER A 129 17.38 -6.68 13.90
CA SER A 129 17.23 -7.22 12.56
C SER A 129 18.62 -7.57 12.05
N LYS A 130 18.94 -8.85 12.01
CA LYS A 130 20.30 -9.28 11.69
C LYS A 130 21.23 -8.60 12.70
N ASN A 131 22.15 -7.74 12.27
CA ASN A 131 23.07 -7.12 13.23
C ASN A 131 22.77 -5.64 13.46
N ILE A 132 21.51 -5.26 13.24
CA ILE A 132 21.08 -3.89 13.47
C ILE A 132 19.98 -3.87 14.53
N ILE A 133 20.08 -2.95 15.48
CA ILE A 133 18.99 -2.73 16.44
C ILE A 133 18.18 -1.56 15.92
N VAL A 134 16.87 -1.69 15.87
CA VAL A 134 16.05 -0.65 15.29
C VAL A 134 14.72 -0.57 16.04
N SER A 135 14.06 0.58 15.99
CA SER A 135 12.73 0.68 16.59
C SER A 135 11.65 0.84 15.52
N GLN A 136 10.44 0.40 15.88
CA GLN A 136 9.23 0.65 15.09
C GLN A 136 8.12 0.96 16.09
N CYS A 137 7.79 2.24 16.25
CA CYS A 137 6.85 2.62 17.31
C CYS A 137 5.41 2.90 16.83
N GLU A 138 5.20 3.13 15.54
CA GLU A 138 3.82 3.35 15.09
C GLU A 138 3.10 1.99 14.98
N ALA A 139 1.87 1.89 15.47
CA ALA A 139 1.13 2.95 16.14
C ALA A 139 1.31 2.88 17.64
N THR A 140 1.41 1.67 18.18
CA THR A 140 1.49 1.48 19.63
C THR A 140 2.75 0.75 20.09
N GLY A 141 3.88 1.02 19.44
CA GLY A 141 5.11 0.32 19.78
C GLY A 141 5.96 0.99 20.86
N PHE A 142 5.76 2.29 21.11
CA PHE A 142 6.66 2.97 22.06
C PHE A 142 6.48 2.40 23.48
N ARG A 143 5.26 1.95 23.77
CA ARG A 143 4.95 1.32 25.05
C ARG A 143 5.65 -0.04 25.25
N ARG A 144 6.18 -0.61 24.17
CA ARG A 144 7.05 -1.79 24.29
C ARG A 144 8.51 -1.46 24.59
N ILE A 145 8.81 -0.15 24.68
CA ILE A 145 10.16 0.31 25.02
C ILE A 145 10.21 0.87 26.44
N THR A 146 9.21 1.65 26.81
CA THR A 146 9.12 2.19 28.17
C THR A 146 7.69 2.64 28.43
N PHE A 147 7.39 2.97 29.67
CA PHE A 147 6.07 3.42 30.04
C PHE A 147 5.76 4.76 29.42
N PHE A 148 4.51 4.93 28.98
CA PHE A 148 4.12 6.20 28.40
C PHE A 148 2.60 6.29 28.31
N ILE A 149 2.07 7.49 28.14
CA ILE A 149 0.67 7.62 27.77
C ILE A 149 0.69 7.61 26.25
N ASP A 150 0.71 6.38 25.72
CA ASP A 150 1.04 6.08 24.31
C ASP A 150 -0.14 6.38 23.40
N ARG A 151 -0.40 7.67 23.19
CA ARG A 151 -1.41 8.16 22.25
C ARG A 151 -0.90 9.38 21.48
N PRO A 152 -1.37 9.57 20.24
CA PRO A 152 -0.72 10.54 19.34
C PRO A 152 -0.91 12.00 19.72
N ASP A 153 -1.81 12.29 20.66
CA ASP A 153 -2.04 13.67 21.07
C ASP A 153 -1.21 14.05 22.30
N MET A 154 -0.40 13.11 22.82
CA MET A 154 0.51 13.43 23.94
C MET A 154 1.86 13.92 23.43
N MET A 155 2.00 15.23 23.28
CA MET A 155 3.18 15.81 22.65
C MET A 155 4.24 16.12 23.69
N ALA A 156 5.49 15.73 23.43
CA ALA A 156 6.57 15.98 24.39
C ALA A 156 7.90 16.32 23.70
N LYS A 157 8.83 16.89 24.46
CA LYS A 157 10.21 17.05 24.01
C LYS A 157 10.99 15.79 24.38
N TYR A 158 11.99 15.44 23.58
CA TYR A 158 12.78 14.24 23.79
C TYR A 158 14.27 14.55 23.89
N ASP A 159 14.90 13.95 24.88
CA ASP A 159 16.35 13.99 25.06
C ASP A 159 16.80 12.53 25.23
N VAL A 160 17.50 11.98 24.24
CA VAL A 160 17.75 10.53 24.21
C VAL A 160 19.22 10.16 24.14
N THR A 161 19.64 9.29 25.03
CA THR A 161 21.01 8.78 25.04
C THR A 161 21.02 7.27 24.76
N VAL A 162 21.86 6.85 23.82
CA VAL A 162 21.99 5.43 23.49
C VAL A 162 23.43 4.97 23.75
N THR A 163 23.59 3.82 24.41
CA THR A 163 24.93 3.27 24.57
C THR A 163 24.96 1.81 24.12
N ALA A 164 26.12 1.36 23.70
CA ALA A 164 26.26 0.04 23.12
C ALA A 164 27.73 -0.32 22.94
N ASP A 165 27.97 -1.60 22.64
CA ASP A 165 29.30 -2.07 22.28
C ASP A 165 29.73 -1.33 21.03
N LYS A 166 30.97 -0.84 21.00
CA LYS A 166 31.42 0.00 19.91
C LYS A 166 31.73 -0.80 18.65
N GLU A 167 32.35 -1.98 18.79
CA GLU A 167 32.63 -2.85 17.64
C GLU A 167 31.34 -3.26 16.93
N LYS A 168 30.39 -3.79 17.68
CA LYS A 168 29.11 -4.23 17.11
C LYS A 168 28.21 -3.08 16.62
N TYR A 169 28.22 -1.95 17.33
CA TYR A 169 27.29 -0.87 17.01
C TYR A 169 27.94 0.52 16.92
N PRO A 170 28.84 0.72 15.94
CA PRO A 170 29.56 2.00 15.84
C PRO A 170 28.66 3.18 15.47
N VAL A 171 27.60 2.91 14.71
CA VAL A 171 26.66 3.94 14.29
C VAL A 171 25.42 3.96 15.18
N LEU A 172 25.20 5.09 15.84
CA LEU A 172 24.06 5.29 16.73
C LEU A 172 23.25 6.44 16.17
N LEU A 173 21.94 6.25 15.98
CA LEU A 173 21.08 7.30 15.44
C LEU A 173 19.80 7.44 16.27
N SER A 174 19.33 8.67 16.40
CA SER A 174 18.01 8.93 16.97
C SER A 174 17.49 10.26 16.42
N ASN A 175 16.29 10.66 16.83
CA ASN A 175 15.72 11.91 16.34
C ASN A 175 16.53 13.11 16.79
N GLY A 176 16.53 14.16 15.97
CA GLY A 176 17.07 15.42 16.40
C GLY A 176 18.57 15.54 16.16
N ASP A 177 19.23 16.35 16.96
CA ASP A 177 20.65 16.60 16.76
C ASP A 177 21.51 15.76 17.71
N LYS A 178 22.56 15.17 17.19
CA LYS A 178 23.52 14.51 18.06
C LYS A 178 24.31 15.61 18.77
N VAL A 179 24.28 15.62 20.10
CA VAL A 179 24.89 16.71 20.85
C VAL A 179 26.06 16.26 21.70
N ASN A 180 26.23 14.95 21.83
CA ASN A 180 27.40 14.41 22.50
C ASN A 180 27.72 13.01 22.04
N GLU A 181 29.01 12.70 22.00
CA GLU A 181 29.50 11.35 21.74
C GLU A 181 30.60 11.08 22.74
N PHE A 182 30.58 9.91 23.37
CA PHE A 182 31.52 9.68 24.44
C PHE A 182 31.91 8.21 24.52
N GLU A 183 33.11 7.96 25.04
CA GLU A 183 33.59 6.60 25.29
C GLU A 183 33.12 6.11 26.66
N ILE A 184 32.96 4.80 26.77
CA ILE A 184 32.53 4.14 28.00
C ILE A 184 33.45 2.97 28.26
N PRO A 185 33.83 2.74 29.53
CA PRO A 185 34.65 1.56 29.84
C PRO A 185 34.06 0.26 29.28
N GLY A 186 34.95 -0.67 28.94
CA GLY A 186 34.54 -1.98 28.47
C GLY A 186 34.26 -2.04 26.99
N GLY A 187 34.78 -1.08 26.24
CA GLY A 187 34.66 -1.07 24.80
C GLY A 187 33.28 -0.61 24.34
N ARG A 188 32.64 0.23 25.15
CA ARG A 188 31.30 0.74 24.84
C ARG A 188 31.38 2.21 24.47
N HIS A 189 30.30 2.75 23.92
CA HIS A 189 30.32 4.16 23.58
C HIS A 189 28.87 4.62 23.62
N GLY A 190 28.67 5.92 23.68
CA GLY A 190 27.34 6.47 23.78
C GLY A 190 27.17 7.71 22.95
N ALA A 191 25.91 8.07 22.72
CA ALA A 191 25.60 9.26 21.95
C ALA A 191 24.30 9.84 22.46
N ARG A 192 24.28 11.15 22.61
CA ARG A 192 23.12 11.86 23.12
C ARG A 192 22.50 12.67 21.98
N PHE A 193 21.19 12.55 21.85
CA PHE A 193 20.42 13.25 20.83
C PHE A 193 19.35 14.09 21.51
N ASN A 194 19.31 15.37 21.22
CA ASN A 194 18.28 16.22 21.77
C ASN A 194 17.38 16.69 20.67
N ASP A 195 16.08 16.50 20.85
CA ASP A 195 15.09 16.85 19.82
C ASP A 195 14.08 17.83 20.42
N PRO A 196 14.42 19.14 20.39
CA PRO A 196 13.55 20.12 21.06
C PRO A 196 12.08 20.20 20.60
N PRO A 197 11.77 20.13 19.29
CA PRO A 197 10.36 20.35 18.95
C PRO A 197 9.45 19.24 19.49
N LEU A 198 8.25 19.61 19.95
CA LEU A 198 7.28 18.61 20.42
C LEU A 198 6.97 17.56 19.35
N LYS A 199 6.82 16.31 19.76
CA LYS A 199 6.36 15.26 18.84
C LYS A 199 5.60 14.21 19.62
N PRO A 200 4.75 13.43 18.92
CA PRO A 200 4.12 12.26 19.52
C PRO A 200 5.10 11.10 19.60
N CYS A 201 4.87 10.17 20.52
CA CYS A 201 5.86 9.14 20.79
C CYS A 201 5.97 8.12 19.64
N TYR A 202 4.96 8.04 18.76
CA TYR A 202 5.04 7.04 17.69
C TYR A 202 6.08 7.46 16.66
N LEU A 203 6.54 8.71 16.73
CA LEU A 203 7.57 9.20 15.84
C LEU A 203 8.98 9.11 16.46
N PHE A 204 9.09 8.63 17.69
CA PHE A 204 10.41 8.34 18.27
C PHE A 204 11.08 7.25 17.46
N ALA A 205 12.40 7.33 17.27
CA ALA A 205 13.14 6.22 16.69
C ALA A 205 14.57 6.17 17.18
N VAL A 206 15.12 4.96 17.20
CA VAL A 206 16.53 4.78 17.46
C VAL A 206 17.06 3.66 16.56
N VAL A 207 18.33 3.77 16.17
CA VAL A 207 19.00 2.80 15.33
C VAL A 207 20.42 2.61 15.84
N ALA A 208 20.87 1.36 15.94
CA ALA A 208 22.26 1.06 16.27
C ALA A 208 22.78 -0.04 15.36
N GLY A 209 23.96 0.14 14.78
CA GLY A 209 24.47 -0.88 13.88
C GLY A 209 25.81 -0.56 13.27
N ASP A 210 26.37 -1.55 12.58
CA ASP A 210 27.59 -1.36 11.81
C ASP A 210 27.19 -0.89 10.43
N LEU A 211 26.66 0.33 10.37
CA LEU A 211 26.05 0.83 9.16
C LEU A 211 27.05 1.50 8.23
N LYS A 212 26.91 1.25 6.93
CA LYS A 212 27.67 1.97 5.93
C LYS A 212 26.73 2.89 5.19
N HIS A 213 27.24 3.94 4.58
CA HIS A 213 26.33 4.93 4.00
C HIS A 213 26.83 5.55 2.70
N LEU A 214 25.89 6.18 2.00
CA LEU A 214 26.15 7.15 0.95
C LEU A 214 25.58 8.47 1.44
N SER A 215 26.17 9.58 1.03
CA SER A 215 25.64 10.86 1.45
C SER A 215 25.69 11.89 0.36
N ALA A 216 24.97 12.98 0.58
CA ALA A 216 24.98 14.12 -0.33
C ALA A 216 24.50 15.35 0.43
N THR A 217 24.71 16.52 -0.15
CA THR A 217 24.17 17.75 0.42
C THR A 217 23.16 18.35 -0.54
N TYR A 218 22.00 18.71 -0.01
CA TYR A 218 20.95 19.33 -0.77
C TYR A 218 20.77 20.76 -0.31
N ILE A 219 20.66 21.69 -1.25
CA ILE A 219 20.44 23.08 -0.90
C ILE A 219 19.00 23.45 -1.25
N THR A 220 18.25 23.90 -0.25
CA THR A 220 16.83 24.17 -0.42
C THR A 220 16.60 25.32 -1.38
N LYS A 221 15.37 25.43 -1.88
CA LYS A 221 15.08 26.36 -2.97
C LYS A 221 15.02 27.82 -2.51
N TYR A 222 14.29 28.08 -1.44
CA TYR A 222 13.97 29.46 -1.06
C TYR A 222 14.91 30.03 0.00
N THR A 223 15.31 29.21 0.97
CA THR A 223 16.18 29.72 2.03
C THR A 223 17.63 29.36 1.79
N LYS A 224 17.88 28.51 0.79
CA LYS A 224 19.22 28.15 0.35
C LYS A 224 20.02 27.45 1.44
N LYS A 225 19.32 26.75 2.32
CA LYS A 225 20.01 26.07 3.40
C LYS A 225 20.43 24.65 3.02
N LYS A 226 21.59 24.26 3.53
CA LYS A 226 22.19 22.97 3.22
C LYS A 226 21.57 21.89 4.10
N VAL A 227 21.08 20.84 3.45
CA VAL A 227 20.53 19.70 4.16
C VAL A 227 21.42 18.48 3.88
N GLU A 228 21.94 17.87 4.95
CA GLU A 228 22.76 16.66 4.80
C GLU A 228 21.83 15.47 4.62
N LEU A 229 22.01 14.72 3.53
CA LEU A 229 21.25 13.52 3.26
C LEU A 229 22.13 12.28 3.43
N TYR A 230 21.67 11.31 4.23
CA TYR A 230 22.38 10.05 4.42
C TYR A 230 21.47 8.86 4.15
N VAL A 231 21.98 7.85 3.44
CA VAL A 231 21.25 6.60 3.26
C VAL A 231 22.14 5.46 3.79
N PHE A 232 21.59 4.62 4.66
CA PHE A 232 22.38 3.60 5.38
C PHE A 232 21.94 2.16 5.08
N SER A 233 22.88 1.22 5.08
CA SER A 233 22.54 -0.20 5.01
C SER A 233 23.66 -1.01 5.65
N GLU A 234 23.50 -2.32 5.75
CA GLU A 234 24.63 -3.14 6.17
C GLU A 234 25.69 -3.06 5.10
N GLU A 235 26.93 -3.38 5.46
CA GLU A 235 28.08 -3.17 4.58
C GLU A 235 27.97 -3.93 3.26
N LYS A 236 27.43 -5.15 3.35
CA LYS A 236 27.27 -6.04 2.21
C LYS A 236 26.52 -5.39 1.05
N TYR A 237 25.54 -4.56 1.37
CA TYR A 237 24.65 -4.05 0.35
C TYR A 237 24.79 -2.56 0.10
N VAL A 238 25.89 -1.97 0.58
CA VAL A 238 26.08 -0.53 0.48
C VAL A 238 26.07 -0.08 -0.98
N SER A 239 26.43 -0.97 -1.90
CA SER A 239 26.41 -0.67 -3.34
C SER A 239 25.01 -0.59 -3.92
N LYS A 240 23.99 -0.80 -3.09
CA LYS A 240 22.61 -0.79 -3.58
C LYS A 240 21.86 0.46 -3.13
N LEU A 241 22.59 1.46 -2.62
CA LEU A 241 21.99 2.65 -2.02
C LEU A 241 21.77 3.84 -2.94
N GLN A 242 22.34 3.81 -4.15
CA GLN A 242 22.38 5.02 -4.96
C GLN A 242 21.01 5.51 -5.42
N TRP A 243 20.13 4.60 -5.84
CA TRP A 243 18.82 5.02 -6.38
C TRP A 243 18.00 5.70 -5.30
N ALA A 244 18.00 5.12 -4.08
CA ALA A 244 17.33 5.74 -2.94
C ALA A 244 17.74 7.19 -2.69
N LEU A 245 19.03 7.47 -2.78
CA LEU A 245 19.54 8.81 -2.58
C LEU A 245 19.02 9.74 -3.65
N GLU A 246 19.05 9.28 -4.90
CA GLU A 246 18.47 10.04 -6.01
C GLU A 246 16.98 10.30 -5.75
N CYS A 247 16.25 9.29 -5.29
CA CYS A 247 14.81 9.42 -5.07
C CYS A 247 14.53 10.47 -3.98
N LEU A 248 15.41 10.52 -3.00
CA LEU A 248 15.23 11.46 -1.90
C LEU A 248 15.42 12.88 -2.42
N LYS A 249 16.46 13.09 -3.22
CA LYS A 249 16.68 14.41 -3.84
C LYS A 249 15.48 14.78 -4.69
N LYS A 250 14.96 13.79 -5.43
CA LYS A 250 13.80 14.03 -6.29
C LYS A 250 12.56 14.43 -5.47
N SER A 251 12.39 13.82 -4.30
CA SER A 251 11.23 14.10 -3.44
C SER A 251 11.29 15.53 -2.92
N MET A 252 12.47 15.93 -2.45
CA MET A 252 12.66 17.27 -1.91
C MET A 252 12.40 18.32 -2.99
N ALA A 253 12.92 18.08 -4.18
CA ALA A 253 12.70 18.99 -5.30
C ALA A 253 11.21 19.12 -5.63
N PHE A 254 10.48 18.01 -5.56
CA PHE A 254 9.07 18.03 -5.92
C PHE A 254 8.22 18.83 -4.95
N ASP A 255 8.45 18.62 -3.66
CA ASP A 255 7.61 19.31 -2.67
C ASP A 255 7.93 20.81 -2.71
N GLU A 256 9.14 21.15 -3.14
CA GLU A 256 9.50 22.55 -3.33
C GLU A 256 8.76 23.14 -4.53
N ASP A 257 8.69 22.38 -5.62
CA ASP A 257 8.15 22.89 -6.89
C ASP A 257 6.64 22.87 -6.94
N TYR A 258 6.02 21.78 -6.48
CA TYR A 258 4.57 21.68 -6.52
C TYR A 258 3.91 22.37 -5.35
N PHE A 259 4.39 22.11 -4.14
CA PHE A 259 3.72 22.60 -2.94
C PHE A 259 4.42 23.80 -2.29
N GLY A 260 5.58 24.18 -2.82
CA GLY A 260 6.38 25.25 -2.21
C GLY A 260 6.90 24.98 -0.80
N LEU A 261 7.09 23.71 -0.45
CA LEU A 261 7.50 23.35 0.90
C LEU A 261 8.97 22.90 0.98
N GLU A 262 9.74 23.56 1.85
CA GLU A 262 11.12 23.17 2.06
C GLU A 262 11.24 22.21 3.23
N TYR A 263 12.26 21.37 3.20
CA TYR A 263 12.59 20.57 4.37
C TYR A 263 12.97 21.46 5.55
N ASP A 264 12.43 21.15 6.72
CA ASP A 264 12.59 21.99 7.92
C ASP A 264 13.90 21.76 8.67
N LEU A 265 14.51 20.60 8.51
CA LEU A 265 15.67 20.25 9.34
C LEU A 265 16.97 20.30 8.56
N SER A 266 18.08 19.99 9.23
CA SER A 266 19.38 20.13 8.59
C SER A 266 19.94 18.79 8.13
N ARG A 267 19.24 17.71 8.45
CA ARG A 267 19.71 16.38 8.08
C ARG A 267 18.56 15.40 7.96
N LEU A 268 18.65 14.52 6.96
CA LEU A 268 17.67 13.47 6.80
C LEU A 268 18.40 12.14 6.63
N ASN A 269 18.02 11.14 7.43
CA ASN A 269 18.62 9.83 7.39
C ASN A 269 17.61 8.80 6.92
N LEU A 270 18.01 7.95 5.97
CA LEU A 270 17.19 6.79 5.58
C LEU A 270 17.96 5.54 5.92
N VAL A 271 17.30 4.56 6.54
CA VAL A 271 17.98 3.34 7.00
C VAL A 271 17.27 2.08 6.50
N ALA A 272 17.98 1.19 5.80
CA ALA A 272 17.41 -0.07 5.38
C ALA A 272 17.63 -1.13 6.44
N VAL A 273 16.57 -1.88 6.75
CA VAL A 273 16.73 -3.07 7.57
C VAL A 273 16.06 -4.28 6.89
N SER A 274 16.60 -5.46 7.15
CA SER A 274 16.18 -6.68 6.47
C SER A 274 14.81 -7.17 6.96
N ASP A 275 14.54 -7.02 8.26
CA ASP A 275 13.29 -7.49 8.87
C ASP A 275 12.34 -6.33 9.17
N PHE A 276 11.23 -6.24 8.46
CA PHE A 276 10.34 -5.10 8.62
C PHE A 276 8.93 -5.55 8.22
N ASN A 277 7.94 -5.13 9.00
CA ASN A 277 6.56 -5.60 8.85
C ASN A 277 5.87 -5.01 7.65
N VAL A 278 6.22 -3.77 7.33
CA VAL A 278 5.57 -3.10 6.21
C VAL A 278 6.63 -2.56 5.27
N GLY A 279 6.39 -1.41 4.65
CA GLY A 279 7.33 -0.85 3.68
C GLY A 279 8.32 0.11 4.31
N ALA A 280 7.83 1.08 5.07
CA ALA A 280 8.75 2.02 5.74
C ALA A 280 8.04 2.82 6.80
N MET A 281 8.80 3.67 7.48
CA MET A 281 8.26 4.48 8.57
C MET A 281 8.93 5.82 8.58
N GLU A 282 8.15 6.89 8.70
CA GLU A 282 8.74 8.21 8.87
C GLU A 282 8.91 8.51 10.37
N ASN A 283 10.10 8.94 10.77
CA ASN A 283 10.33 9.31 12.18
C ASN A 283 11.11 10.60 12.34
N LYS A 284 10.51 11.73 11.97
CA LYS A 284 11.17 13.04 12.01
C LYS A 284 12.69 12.99 11.81
N GLY A 285 13.12 12.87 10.55
CA GLY A 285 14.54 12.92 10.26
C GLY A 285 15.25 11.57 10.22
N LEU A 286 14.62 10.54 10.75
CA LEU A 286 15.20 9.20 10.81
C LEU A 286 14.21 8.18 10.25
N ASN A 287 14.21 8.03 8.93
CA ASN A 287 13.22 7.20 8.25
C ASN A 287 13.76 5.79 8.10
N ILE A 288 12.96 4.79 8.44
CA ILE A 288 13.46 3.42 8.48
C ILE A 288 12.65 2.59 7.47
N PHE A 289 13.36 1.81 6.65
CA PHE A 289 12.77 1.16 5.50
C PHE A 289 12.99 -0.35 5.52
N ASN A 290 11.95 -1.08 5.12
CA ASN A 290 12.17 -2.43 4.62
C ASN A 290 13.26 -2.36 3.55
N ALA A 291 14.31 -3.17 3.66
CA ALA A 291 15.35 -3.17 2.63
C ALA A 291 14.77 -3.32 1.21
N ASN A 292 13.68 -4.07 1.07
CA ASN A 292 13.14 -4.25 -0.29
C ASN A 292 12.50 -2.98 -0.85
N SER A 293 12.38 -1.95 -0.01
CA SER A 293 11.84 -0.68 -0.44
C SER A 293 12.86 0.46 -0.43
N LEU A 294 14.14 0.12 -0.28
CA LEU A 294 15.22 1.11 -0.32
C LEU A 294 16.38 0.67 -1.20
N LEU A 295 16.69 -0.63 -1.23
CA LEU A 295 17.92 -1.09 -1.88
C LEU A 295 17.67 -1.64 -3.27
N ALA A 296 18.50 -1.26 -4.24
CA ALA A 296 18.42 -1.87 -5.57
C ALA A 296 19.74 -1.72 -6.30
N SER A 297 19.98 -2.61 -7.28
CA SER A 297 21.02 -2.43 -8.29
C SER A 297 20.54 -3.12 -9.57
N LYS A 298 20.98 -2.66 -10.74
CA LYS A 298 20.45 -3.20 -11.99
C LYS A 298 20.76 -4.70 -12.11
N LYS A 299 21.87 -5.13 -11.51
CA LYS A 299 22.28 -6.52 -11.61
C LYS A 299 21.49 -7.44 -10.68
N ASN A 300 21.04 -6.90 -9.56
CA ASN A 300 20.45 -7.69 -8.48
C ASN A 300 19.00 -7.37 -8.11
N SER A 301 18.30 -6.61 -8.95
CA SER A 301 16.91 -6.23 -8.66
C SER A 301 16.05 -6.32 -9.91
N ILE A 302 14.79 -6.72 -9.73
CA ILE A 302 13.84 -6.62 -10.84
C ILE A 302 13.40 -5.18 -11.00
N ASP A 303 12.82 -4.87 -12.15
CA ASP A 303 12.49 -3.49 -12.50
C ASP A 303 11.53 -2.86 -11.50
N PHE A 304 10.59 -3.67 -11.01
CA PHE A 304 9.59 -3.22 -10.04
C PHE A 304 10.21 -2.47 -8.84
N SER A 305 11.40 -2.88 -8.43
CA SER A 305 12.06 -2.25 -7.27
C SER A 305 12.28 -0.75 -7.45
N TYR A 306 12.47 -0.31 -8.69
CA TYR A 306 12.81 1.08 -8.93
C TYR A 306 11.60 2.00 -8.67
N ALA A 307 10.42 1.67 -9.19
CA ALA A 307 9.23 2.45 -8.88
C ALA A 307 8.88 2.29 -7.41
N ARG A 308 9.11 1.10 -6.85
CA ARG A 308 8.79 0.89 -5.43
C ARG A 308 9.60 1.80 -4.51
N ILE A 309 10.92 1.83 -4.71
CA ILE A 309 11.80 2.70 -3.91
C ILE A 309 11.41 4.17 -4.08
N LEU A 310 11.14 4.57 -5.32
CA LEU A 310 10.76 5.94 -5.61
C LEU A 310 9.51 6.33 -4.81
N THR A 311 8.50 5.47 -4.84
CA THR A 311 7.25 5.84 -4.16
C THR A 311 7.37 5.76 -2.64
N VAL A 312 8.15 4.79 -2.12
CA VAL A 312 8.22 4.65 -0.68
C VAL A 312 9.11 5.75 -0.08
N VAL A 313 10.24 6.05 -0.74
CA VAL A 313 11.06 7.18 -0.28
C VAL A 313 10.25 8.49 -0.38
N GLY A 314 9.56 8.68 -1.50
CA GLY A 314 8.71 9.85 -1.63
C GLY A 314 7.67 9.93 -0.50
N HIS A 315 7.00 8.81 -0.29
CA HIS A 315 5.93 8.75 0.71
C HIS A 315 6.45 9.19 2.08
N GLU A 316 7.54 8.60 2.54
CA GLU A 316 8.05 8.97 3.86
C GLU A 316 8.51 10.41 3.88
N TYR A 317 9.01 10.92 2.74
CA TYR A 317 9.48 12.30 2.72
C TYR A 317 8.28 13.26 2.88
N PHE A 318 7.20 12.97 2.19
CA PHE A 318 6.04 13.88 2.17
C PHE A 318 5.32 13.87 3.49
N HIS A 319 5.58 12.84 4.30
CA HIS A 319 5.12 12.90 5.69
C HIS A 319 5.70 14.07 6.49
N GLN A 320 6.85 14.62 6.14
CA GLN A 320 7.54 15.50 7.10
C GLN A 320 6.79 16.80 7.29
N TYR A 321 6.57 17.51 6.18
CA TYR A 321 6.18 18.91 6.28
C TYR A 321 4.92 18.98 7.11
N THR A 322 3.97 18.13 6.75
CA THR A 322 2.70 18.10 7.45
C THR A 322 2.83 17.53 8.86
N GLY A 323 3.64 16.49 8.99
CA GLY A 323 3.88 15.86 10.29
C GLY A 323 4.47 16.77 11.37
N ASN A 324 5.23 17.78 11.00
CA ASN A 324 5.76 18.57 12.10
C ASN A 324 5.02 19.89 12.27
N ARG A 325 3.79 19.94 11.78
CA ARG A 325 2.94 21.10 12.02
C ARG A 325 1.59 20.67 12.57
N VAL A 326 1.10 19.54 12.08
CA VAL A 326 -0.20 19.01 12.46
C VAL A 326 -0.12 17.51 12.77
N THR A 327 -0.39 17.16 14.01
CA THR A 327 -0.41 15.77 14.42
C THR A 327 -1.84 15.27 14.52
N LEU A 328 -2.07 14.02 14.15
CA LEU A 328 -3.36 13.38 14.41
C LEU A 328 -3.81 13.54 15.86
N ARG A 329 -5.06 13.93 16.03
CA ARG A 329 -5.66 13.96 17.35
C ARG A 329 -5.74 12.57 17.99
N ASP A 330 -6.16 11.60 17.19
CA ASP A 330 -6.33 10.24 17.66
C ASP A 330 -6.19 9.31 16.46
N TRP A 331 -6.20 8.00 16.67
CA TRP A 331 -5.89 7.12 15.54
C TRP A 331 -7.02 7.02 14.55
N PHE A 332 -8.21 7.45 14.92
CA PHE A 332 -9.31 7.37 13.95
C PHE A 332 -9.10 8.34 12.80
N GLN A 333 -8.22 9.33 13.00
CA GLN A 333 -7.91 10.27 11.92
C GLN A 333 -6.76 9.77 11.03
N LEU A 334 -6.38 8.50 11.14
CA LEU A 334 -5.23 7.97 10.41
C LEU A 334 -5.29 8.33 8.91
N THR A 335 -6.47 8.24 8.30
CA THR A 335 -6.57 8.51 6.86
C THR A 335 -6.22 9.95 6.53
N LEU A 336 -6.38 10.86 7.48
CA LEU A 336 -5.97 12.25 7.30
C LEU A 336 -4.45 12.38 7.02
N LYS A 337 -3.61 11.68 7.78
CA LYS A 337 -2.18 11.71 7.42
C LYS A 337 -1.85 10.72 6.31
N GLU A 338 -2.43 9.53 6.30
CA GLU A 338 -2.00 8.54 5.32
C GLU A 338 -2.63 8.73 3.95
N GLY A 339 -3.92 9.02 3.90
CA GLY A 339 -4.54 9.25 2.60
C GLY A 339 -3.96 10.49 1.94
N LEU A 340 -3.66 11.51 2.71
CA LEU A 340 -3.10 12.73 2.14
C LEU A 340 -1.68 12.49 1.64
N THR A 341 -0.91 11.75 2.42
CA THR A 341 0.48 11.46 2.03
C THR A 341 0.55 10.51 0.82
N VAL A 342 -0.32 9.50 0.74
CA VAL A 342 -0.39 8.68 -0.47
C VAL A 342 -0.79 9.51 -1.69
N HIS A 343 -1.73 10.43 -1.53
CA HIS A 343 -2.11 11.32 -2.62
C HIS A 343 -0.89 12.11 -3.08
N ARG A 344 -0.11 12.63 -2.13
CA ARG A 344 1.08 13.40 -2.48
C ARG A 344 2.11 12.50 -3.14
N GLU A 345 2.27 11.30 -2.60
CA GLU A 345 3.15 10.26 -3.19
C GLU A 345 2.75 9.94 -4.64
N ASN A 346 1.45 9.79 -4.88
CA ASN A 346 1.01 9.46 -6.23
C ASN A 346 1.25 10.61 -7.20
N LEU A 347 1.04 11.86 -6.77
CA LEU A 347 1.30 13.01 -7.62
C LEU A 347 2.77 13.05 -8.00
N PHE A 348 3.61 12.78 -7.00
CA PHE A 348 5.04 12.75 -7.18
C PHE A 348 5.44 11.67 -8.20
N SER A 349 4.92 10.47 -7.99
CA SER A 349 5.27 9.32 -8.81
C SER A 349 4.80 9.54 -10.26
N GLU A 350 3.59 10.08 -10.43
CA GLU A 350 3.15 10.41 -11.77
C GLU A 350 4.09 11.41 -12.47
N GLU A 351 4.55 12.42 -11.74
CA GLU A 351 5.38 13.46 -12.35
C GLU A 351 6.77 12.90 -12.64
N MET A 352 7.25 11.98 -11.80
CA MET A 352 8.61 11.44 -11.97
C MET A 352 8.70 10.40 -13.10
N THR A 353 7.68 9.57 -13.24
CA THR A 353 7.74 8.47 -14.19
C THR A 353 7.33 8.94 -15.58
N LYS A 354 6.46 9.94 -15.62
CA LYS A 354 5.93 10.46 -16.88
C LYS A 354 5.36 9.35 -17.79
N THR A 355 4.76 8.34 -17.18
CA THR A 355 4.13 7.27 -17.94
C THR A 355 2.67 7.15 -17.50
N VAL A 356 1.74 6.93 -18.43
CA VAL A 356 0.32 6.79 -18.03
C VAL A 356 0.07 5.52 -17.22
N THR A 357 0.97 4.54 -17.30
CA THR A 357 0.73 3.34 -16.51
C THR A 357 0.83 3.57 -15.00
N THR A 358 1.46 4.66 -14.58
CA THR A 358 1.56 4.92 -13.16
C THR A 358 0.18 5.12 -12.54
N ARG A 359 -0.59 6.05 -13.07
CA ARG A 359 -1.97 6.22 -12.55
C ARG A 359 -2.80 4.96 -12.76
N LEU A 360 -2.68 4.32 -13.92
CA LEU A 360 -3.40 3.07 -14.17
C LEU A 360 -3.08 2.01 -13.13
N SER A 361 -1.81 1.92 -12.71
CA SER A 361 -1.45 0.88 -11.76
C SER A 361 -2.11 1.16 -10.39
N HIS A 362 -2.24 2.45 -10.03
CA HIS A 362 -2.93 2.80 -8.77
C HIS A 362 -4.41 2.45 -8.80
N VAL A 363 -5.06 2.73 -9.92
CA VAL A 363 -6.44 2.34 -10.13
C VAL A 363 -6.62 0.82 -10.15
N ASP A 364 -5.71 0.13 -10.81
CA ASP A 364 -5.75 -1.33 -10.91
C ASP A 364 -5.72 -1.94 -9.50
N LEU A 365 -4.87 -1.39 -8.67
CA LEU A 365 -4.77 -1.83 -7.29
C LEU A 365 -6.06 -1.52 -6.49
N LEU A 366 -6.54 -0.29 -6.59
CA LEU A 366 -7.74 0.09 -5.83
C LEU A 366 -8.92 -0.82 -6.21
N ARG A 367 -9.15 -1.00 -7.51
CA ARG A 367 -10.36 -1.70 -7.95
C ARG A 367 -10.28 -3.22 -7.77
N SER A 368 -9.08 -3.74 -7.56
CA SER A 368 -9.00 -5.15 -7.24
C SER A 368 -9.01 -5.31 -5.73
N VAL A 369 -7.90 -4.96 -5.09
CA VAL A 369 -7.73 -5.18 -3.67
C VAL A 369 -8.67 -4.34 -2.77
N GLN A 370 -8.77 -3.03 -2.99
CA GLN A 370 -9.58 -2.24 -2.06
C GLN A 370 -11.08 -2.44 -2.29
N PHE A 371 -11.51 -2.58 -3.54
CA PHE A 371 -12.94 -2.90 -3.76
C PHE A 371 -13.32 -4.22 -3.15
N LEU A 372 -12.44 -5.21 -3.25
CA LEU A 372 -12.70 -6.49 -2.58
C LEU A 372 -12.91 -6.24 -1.09
N GLU A 373 -11.96 -5.52 -0.47
CA GLU A 373 -12.07 -5.27 0.97
C GLU A 373 -13.41 -4.57 1.30
N ASP A 374 -13.79 -3.61 0.46
CA ASP A 374 -14.98 -2.80 0.74
C ASP A 374 -16.29 -3.58 0.52
N SER A 375 -16.26 -4.69 -0.20
CA SER A 375 -17.48 -5.49 -0.33
C SER A 375 -17.41 -6.73 0.58
N SER A 376 -16.36 -6.80 1.40
CA SER A 376 -16.17 -7.94 2.31
C SER A 376 -16.74 -7.63 3.72
N PRO A 377 -16.79 -8.64 4.60
CA PRO A 377 -17.23 -8.37 5.99
C PRO A 377 -16.30 -7.40 6.74
N LEU A 378 -15.10 -7.19 6.18
CA LEU A 378 -14.12 -6.27 6.79
C LEU A 378 -14.34 -4.82 6.38
N SER A 379 -15.34 -4.57 5.53
CA SER A 379 -15.59 -3.22 5.00
C SER A 379 -15.67 -2.17 6.12
N HIS A 380 -15.02 -1.04 5.91
CA HIS A 380 -15.02 0.05 6.89
C HIS A 380 -14.90 1.38 6.15
N PRO A 381 -15.41 2.47 6.75
CA PRO A 381 -15.15 3.77 6.12
C PRO A 381 -13.68 4.16 6.32
N ILE A 382 -13.20 5.16 5.58
CA ILE A 382 -11.79 5.54 5.70
C ILE A 382 -11.51 6.14 7.08
N ARG A 383 -12.56 6.63 7.76
CA ARG A 383 -12.49 6.98 9.17
C ARG A 383 -13.40 6.05 9.97
N PRO A 384 -12.85 4.96 10.48
CA PRO A 384 -13.67 3.94 11.17
C PRO A 384 -14.22 4.45 12.48
N GLU A 385 -15.29 3.83 12.97
CA GLU A 385 -15.96 4.27 14.19
C GLU A 385 -15.40 3.59 15.44
N SER A 386 -14.69 2.48 15.25
CA SER A 386 -14.15 1.74 16.36
C SER A 386 -12.99 0.88 15.92
N TYR A 387 -12.14 0.49 16.87
CA TYR A 387 -11.12 -0.56 16.64
C TYR A 387 -10.83 -1.33 17.92
N VAL A 388 -10.27 -2.54 17.75
CA VAL A 388 -9.73 -3.32 18.86
C VAL A 388 -8.21 -3.27 18.81
N SER A 389 -7.67 -3.52 17.63
CA SER A 389 -6.23 -3.56 17.43
C SER A 389 -5.83 -2.57 16.35
N MET A 390 -5.04 -1.58 16.75
CA MET A 390 -4.59 -0.53 15.83
C MET A 390 -3.88 -1.07 14.58
N GLU A 391 -3.16 -2.16 14.77
CA GLU A 391 -2.41 -2.74 13.66
C GLU A 391 -3.33 -3.14 12.51
N ASN A 392 -4.59 -3.46 12.83
CA ASN A 392 -5.50 -3.95 11.82
C ASN A 392 -6.09 -2.82 10.99
N PHE A 393 -5.76 -1.59 11.36
CA PHE A 393 -6.38 -0.44 10.72
C PHE A 393 -5.59 0.16 9.57
N TYR A 394 -4.38 -0.35 9.35
CA TYR A 394 -3.54 0.17 8.29
C TYR A 394 -3.89 -0.57 7.01
N THR A 395 -5.03 -0.18 6.42
CA THR A 395 -5.64 -0.94 5.33
C THR A 395 -5.59 -0.23 4.01
N THR A 396 -5.78 -0.99 2.93
CA THR A 396 -5.94 -0.35 1.63
C THR A 396 -7.11 0.63 1.60
N THR A 397 -8.15 0.39 2.40
CA THR A 397 -9.23 1.37 2.48
C THR A 397 -8.73 2.70 3.04
N VAL A 398 -8.10 2.66 4.21
CA VAL A 398 -7.61 3.89 4.85
C VAL A 398 -6.55 4.61 3.99
N TYR A 399 -5.67 3.82 3.38
CA TYR A 399 -4.59 4.37 2.54
C TYR A 399 -5.03 4.73 1.12
N ASP A 400 -5.57 3.77 0.37
CA ASP A 400 -5.77 3.98 -1.06
C ASP A 400 -7.14 4.62 -1.38
N LYS A 401 -8.19 4.16 -0.71
CA LYS A 401 -9.44 4.90 -0.88
C LYS A 401 -9.27 6.27 -0.22
N GLY A 402 -8.59 6.33 0.92
CA GLY A 402 -8.26 7.62 1.52
C GLY A 402 -7.57 8.54 0.51
N SER A 403 -6.60 8.02 -0.22
CA SER A 403 -5.89 8.87 -1.19
C SER A 403 -6.81 9.32 -2.30
N GLU A 404 -7.73 8.45 -2.74
CA GLU A 404 -8.68 8.87 -3.79
C GLU A 404 -9.63 9.95 -3.26
N VAL A 405 -9.98 9.88 -1.96
CA VAL A 405 -10.82 10.93 -1.39
C VAL A 405 -10.04 12.24 -1.31
N MET A 406 -8.75 12.14 -0.98
CA MET A 406 -7.93 13.34 -0.93
C MET A 406 -7.75 13.90 -2.34
N ARG A 407 -7.63 13.00 -3.30
CA ARG A 407 -7.42 13.40 -4.69
C ARG A 407 -8.68 14.07 -5.29
N MET A 408 -9.86 13.68 -4.81
CA MET A 408 -11.07 14.28 -5.35
C MET A 408 -11.13 15.78 -5.01
N TYR A 409 -10.56 16.20 -3.87
CA TYR A 409 -10.53 17.63 -3.59
C TYR A 409 -9.80 18.40 -4.70
N LEU A 410 -8.70 17.82 -5.18
CA LEU A 410 -7.94 18.44 -6.28
C LEU A 410 -8.75 18.48 -7.57
N THR A 411 -9.41 17.36 -7.89
CA THR A 411 -10.28 17.32 -9.07
C THR A 411 -11.40 18.38 -9.01
N ILE A 412 -11.99 18.51 -7.83
CA ILE A 412 -13.09 19.45 -7.65
C ILE A 412 -12.64 20.90 -7.73
N LEU A 413 -11.50 21.18 -7.11
CA LEU A 413 -11.03 22.56 -6.94
C LEU A 413 -10.10 23.07 -8.04
N GLY A 414 -9.42 22.15 -8.72
CA GLY A 414 -8.34 22.54 -9.62
C GLY A 414 -7.09 22.90 -8.84
N GLU A 415 -5.96 23.02 -9.51
CA GLU A 415 -4.68 23.21 -8.84
C GLU A 415 -4.61 24.45 -7.95
N GLU A 416 -5.00 25.60 -8.50
CA GLU A 416 -4.85 26.87 -7.78
C GLU A 416 -5.60 26.89 -6.45
N TYR A 417 -6.87 26.51 -6.47
CA TYR A 417 -7.69 26.55 -5.27
C TYR A 417 -7.38 25.37 -4.35
N TYR A 418 -7.01 24.24 -4.92
CA TYR A 418 -6.57 23.14 -4.08
C TYR A 418 -5.36 23.58 -3.25
N LYS A 419 -4.37 24.15 -3.92
CA LYS A 419 -3.17 24.61 -3.23
C LYS A 419 -3.45 25.73 -2.23
N LYS A 420 -4.58 26.42 -2.39
CA LYS A 420 -5.02 27.43 -1.41
C LYS A 420 -5.69 26.83 -0.18
N GLY A 421 -6.49 25.78 -0.38
CA GLY A 421 -7.16 25.12 0.72
C GLY A 421 -6.18 24.33 1.57
N PHE A 422 -5.14 23.82 0.93
CA PHE A 422 -4.06 23.07 1.60
C PHE A 422 -3.29 23.99 2.55
N ASP A 423 -3.00 25.20 2.08
CA ASP A 423 -2.35 26.22 2.91
C ASP A 423 -3.22 26.63 4.09
N ILE A 424 -4.52 26.77 3.85
CA ILE A 424 -5.43 27.16 4.92
C ILE A 424 -5.44 26.13 6.04
N TYR A 425 -5.41 24.85 5.65
CA TYR A 425 -5.44 23.75 6.62
C TYR A 425 -4.23 23.76 7.56
N ILE A 426 -3.05 24.00 7.00
CA ILE A 426 -1.85 24.22 7.81
C ILE A 426 -2.00 25.38 8.80
N LYS A 427 -2.31 26.56 8.25
CA LYS A 427 -2.41 27.77 9.05
C LYS A 427 -3.39 27.62 10.20
N LYS A 428 -4.59 27.13 9.90
CA LYS A 428 -5.63 27.03 10.93
C LYS A 428 -5.30 25.95 11.97
N ASN A 429 -4.38 25.05 11.63
CA ASN A 429 -4.12 23.89 12.46
C ASN A 429 -2.65 23.67 12.84
N ASP A 430 -1.80 24.64 12.52
CA ASP A 430 -0.38 24.50 12.82
C ASP A 430 -0.18 24.52 14.33
N GLY A 431 0.63 23.58 14.82
CA GLY A 431 0.96 23.50 16.23
C GLY A 431 -0.09 22.78 17.04
N ASN A 432 -1.09 22.24 16.35
CA ASN A 432 -2.21 21.60 17.01
C ASN A 432 -2.47 20.21 16.43
N THR A 433 -3.33 19.46 17.11
CA THR A 433 -3.82 18.21 16.56
C THR A 433 -5.00 18.52 15.66
N ALA A 434 -5.23 17.68 14.67
CA ALA A 434 -6.34 17.91 13.76
C ALA A 434 -7.16 16.65 13.48
N THR A 435 -8.32 16.87 12.87
CA THR A 435 -9.21 15.80 12.48
C THR A 435 -9.56 15.94 11.00
N CYS A 436 -10.23 14.94 10.46
CA CYS A 436 -10.66 14.98 9.07
C CYS A 436 -11.53 16.20 8.80
N GLU A 437 -12.35 16.58 9.79
CA GLU A 437 -13.22 17.74 9.62
C GLU A 437 -12.44 19.04 9.39
N ASP A 438 -11.32 19.16 10.08
CA ASP A 438 -10.44 20.32 9.92
C ASP A 438 -9.96 20.43 8.48
N PHE A 439 -9.60 19.30 7.87
CA PHE A 439 -9.16 19.33 6.48
C PHE A 439 -10.30 19.70 5.56
N ASN A 440 -11.48 19.16 5.84
CA ASN A 440 -12.63 19.43 5.00
C ASN A 440 -13.03 20.90 5.10
N TYR A 441 -12.92 21.45 6.31
CA TYR A 441 -13.28 22.86 6.52
C TYR A 441 -12.38 23.76 5.68
N ALA A 442 -11.08 23.48 5.73
CA ALA A 442 -10.10 24.21 4.93
C ALA A 442 -10.39 24.17 3.43
N MET A 443 -10.71 22.99 2.89
CA MET A 443 -11.09 22.86 1.49
C MET A 443 -12.41 23.54 1.20
N GLU A 444 -13.27 23.58 2.21
CA GLU A 444 -14.56 24.23 2.05
C GLU A 444 -14.35 25.72 1.80
N GLN A 445 -13.31 26.30 2.41
CA GLN A 445 -13.01 27.72 2.23
C GLN A 445 -12.52 27.95 0.81
N ALA A 446 -11.72 27.02 0.29
CA ALA A 446 -11.27 27.09 -1.09
C ALA A 446 -12.43 26.91 -2.07
N TYR A 447 -13.41 26.10 -1.67
CA TYR A 447 -14.59 25.84 -2.51
C TYR A 447 -15.45 27.09 -2.61
N LYS A 448 -15.62 27.79 -1.49
CA LYS A 448 -16.36 29.05 -1.47
C LYS A 448 -15.72 30.07 -2.41
N MET A 449 -14.41 30.26 -2.25
CA MET A 449 -13.65 31.18 -3.10
C MET A 449 -13.72 30.84 -4.58
N LYS A 450 -13.77 29.55 -4.89
CA LYS A 450 -13.85 29.10 -6.27
C LYS A 450 -15.23 29.34 -6.87
N LYS A 451 -16.26 29.09 -6.07
CA LYS A 451 -17.64 29.22 -6.54
C LYS A 451 -18.11 30.68 -6.48
N ALA A 452 -17.27 31.54 -5.91
CA ALA A 452 -17.64 32.91 -5.58
C ALA A 452 -19.00 32.89 -4.89
N ASP A 453 -19.06 32.26 -3.73
CA ASP A 453 -20.31 31.99 -3.05
C ASP A 453 -20.03 31.51 -1.64
N ASN A 454 -20.26 32.37 -0.65
CA ASN A 454 -19.93 32.02 0.73
C ASN A 454 -21.03 31.17 1.36
N SER A 455 -22.02 30.79 0.56
CA SER A 455 -23.06 29.90 1.02
C SER A 455 -22.78 28.46 0.54
N ALA A 456 -21.81 28.32 -0.35
CA ALA A 456 -21.39 27.00 -0.81
C ALA A 456 -20.71 26.28 0.34
N ASN A 457 -20.93 24.98 0.44
CA ASN A 457 -20.31 24.19 1.49
C ASN A 457 -19.98 22.78 1.04
N LEU A 458 -19.14 22.11 1.82
CA LEU A 458 -18.71 20.75 1.54
C LEU A 458 -19.20 19.80 2.62
N ASN A 459 -20.32 20.13 3.26
CA ASN A 459 -20.79 19.27 4.34
C ASN A 459 -21.11 17.84 3.89
N GLN A 460 -21.66 17.72 2.68
CA GLN A 460 -21.97 16.41 2.13
C GLN A 460 -20.69 15.62 1.86
N TYR A 461 -19.61 16.34 1.60
CA TYR A 461 -18.35 15.67 1.26
C TYR A 461 -17.87 14.84 2.43
N LEU A 462 -18.28 15.21 3.64
CA LEU A 462 -17.89 14.47 4.84
C LEU A 462 -18.34 13.00 4.80
N LEU A 463 -19.33 12.69 3.98
CA LEU A 463 -19.77 11.29 3.89
C LEU A 463 -18.69 10.38 3.31
N TRP A 464 -17.76 10.94 2.56
CA TRP A 464 -16.66 10.14 2.08
C TRP A 464 -15.82 9.60 3.23
N PHE A 465 -15.86 10.26 4.38
CA PHE A 465 -15.09 9.78 5.52
C PHE A 465 -15.84 8.76 6.35
N SER A 466 -17.17 8.88 6.37
CA SER A 466 -17.98 8.15 7.36
C SER A 466 -18.72 6.96 6.76
N GLN A 467 -18.93 6.99 5.44
CA GLN A 467 -19.75 5.98 4.76
C GLN A 467 -18.90 4.91 4.10
N SER A 468 -19.14 3.66 4.46
CA SER A 468 -18.35 2.57 3.90
C SER A 468 -19.00 2.09 2.62
N GLY A 469 -18.26 1.26 1.87
CA GLY A 469 -18.81 0.64 0.66
C GLY A 469 -18.48 1.44 -0.58
N THR A 470 -18.49 0.77 -1.73
CA THR A 470 -18.14 1.40 -3.00
C THR A 470 -19.40 1.91 -3.73
N PRO A 471 -19.49 3.22 -4.03
CA PRO A 471 -20.70 3.64 -4.76
C PRO A 471 -20.72 3.06 -6.16
N HIS A 472 -21.91 2.76 -6.66
CA HIS A 472 -22.12 2.35 -8.05
C HIS A 472 -22.72 3.53 -8.82
N VAL A 473 -22.13 3.87 -9.95
CA VAL A 473 -22.60 5.02 -10.73
C VAL A 473 -22.98 4.54 -12.12
N SER A 474 -24.21 4.81 -12.52
CA SER A 474 -24.68 4.33 -13.81
C SER A 474 -25.26 5.45 -14.65
N PHE A 475 -25.37 5.18 -15.95
CA PHE A 475 -25.67 6.21 -16.95
C PHE A 475 -26.71 5.79 -17.94
N LYS A 476 -27.48 6.77 -18.38
CA LYS A 476 -28.31 6.65 -19.57
C LYS A 476 -28.12 7.91 -20.40
N TYR A 477 -28.29 7.79 -21.71
CA TYR A 477 -27.97 8.91 -22.59
C TYR A 477 -29.11 9.22 -23.52
N ASN A 478 -29.17 10.46 -23.96
CA ASN A 478 -30.14 10.81 -24.98
C ASN A 478 -29.54 11.87 -25.88
N TYR A 479 -29.74 11.70 -27.19
CA TYR A 479 -29.30 12.70 -28.15
C TYR A 479 -30.42 13.10 -29.09
N ASP A 480 -30.69 14.40 -29.14
CA ASP A 480 -31.66 14.96 -30.09
C ASP A 480 -30.91 15.63 -31.25
N ALA A 481 -30.91 14.97 -32.40
CA ALA A 481 -30.10 15.39 -33.54
C ALA A 481 -30.54 16.74 -34.07
N GLU A 482 -31.85 16.98 -34.11
CA GLU A 482 -32.38 18.26 -34.58
C GLU A 482 -32.05 19.39 -33.59
N LYS A 483 -32.12 19.12 -32.29
CA LYS A 483 -31.82 20.13 -31.26
C LYS A 483 -30.33 20.31 -30.98
N LYS A 484 -29.52 19.35 -31.41
CA LYS A 484 -28.08 19.35 -31.12
C LYS A 484 -27.85 19.31 -29.62
N GLN A 485 -28.68 18.51 -28.95
CA GLN A 485 -28.76 18.52 -27.49
C GLN A 485 -28.51 17.12 -26.97
N TYR A 486 -27.54 17.00 -26.07
CA TYR A 486 -27.10 15.72 -25.52
C TYR A 486 -27.33 15.72 -24.01
N SER A 487 -27.87 14.62 -23.49
CA SER A 487 -28.15 14.48 -22.07
C SER A 487 -27.47 13.26 -21.49
N ILE A 488 -26.85 13.43 -20.33
CA ILE A 488 -26.29 12.32 -19.60
C ILE A 488 -27.07 12.23 -18.29
N HIS A 489 -27.81 11.15 -18.13
CA HIS A 489 -28.55 10.94 -16.88
CA HIS A 489 -28.57 10.91 -16.91
C HIS A 489 -27.73 10.01 -16.02
N VAL A 490 -27.48 10.44 -14.79
CA VAL A 490 -26.57 9.73 -13.90
C VAL A 490 -27.29 9.31 -12.63
N ASN A 491 -26.94 8.13 -12.15
CA ASN A 491 -27.55 7.57 -10.96
C ASN A 491 -26.44 7.07 -10.03
N GLN A 492 -26.56 7.27 -8.72
CA GLN A 492 -25.62 6.65 -7.80
C GLN A 492 -26.34 5.84 -6.72
N TYR A 493 -25.66 4.83 -6.23
CA TYR A 493 -26.24 3.91 -5.26
C TYR A 493 -25.10 3.25 -4.50
N THR A 494 -25.20 3.19 -3.17
CA THR A 494 -24.26 2.38 -2.38
C THR A 494 -25.05 1.29 -1.67
N LYS A 495 -24.57 0.06 -1.76
CA LYS A 495 -25.29 -1.07 -1.16
C LYS A 495 -25.23 -0.96 0.34
N PRO A 496 -26.37 -1.14 1.03
CA PRO A 496 -26.31 -1.17 2.50
C PRO A 496 -25.37 -2.27 2.99
N ASP A 497 -24.76 -2.05 4.14
CA ASP A 497 -23.87 -3.07 4.72
C ASP A 497 -24.00 -2.99 6.23
N GLU A 498 -23.01 -3.53 6.93
CA GLU A 498 -23.13 -3.59 8.39
C GLU A 498 -22.84 -2.24 9.04
N ASN A 499 -22.30 -1.28 8.29
CA ASN A 499 -21.96 0.01 8.87
C ASN A 499 -23.04 1.10 8.72
N GLN A 500 -23.80 1.05 7.62
CA GLN A 500 -24.97 1.91 7.46
C GLN A 500 -26.11 1.15 6.80
N LYS A 501 -27.22 1.07 7.52
CA LYS A 501 -28.48 0.54 6.98
C LYS A 501 -28.95 1.39 5.80
N GLU A 502 -28.91 2.70 5.99
CA GLU A 502 -29.29 3.63 4.93
C GLU A 502 -28.04 4.37 4.44
N LYS A 503 -27.82 4.31 3.14
CA LYS A 503 -26.68 5.00 2.55
C LYS A 503 -27.15 6.31 1.94
N LYS A 504 -26.32 7.35 2.01
CA LYS A 504 -26.74 8.65 1.51
C LYS A 504 -25.99 8.89 0.22
N PRO A 505 -26.52 9.74 -0.66
CA PRO A 505 -25.75 10.08 -1.86
C PRO A 505 -24.51 10.87 -1.51
N LEU A 506 -23.42 10.59 -2.24
CA LEU A 506 -22.15 11.27 -2.08
C LEU A 506 -21.97 12.43 -3.06
N PHE A 507 -21.06 13.34 -2.74
CA PHE A 507 -20.54 14.33 -3.68
C PHE A 507 -19.54 13.63 -4.62
N ILE A 508 -19.97 13.33 -5.84
CA ILE A 508 -19.16 12.57 -6.79
C ILE A 508 -18.79 13.46 -7.97
N PRO A 509 -17.50 13.76 -8.13
CA PRO A 509 -17.05 14.54 -9.28
C PRO A 509 -16.79 13.63 -10.48
N ILE A 510 -17.41 13.95 -11.62
CA ILE A 510 -17.33 13.07 -12.78
C ILE A 510 -16.65 13.83 -13.90
N SER A 511 -15.35 13.61 -14.06
CA SER A 511 -14.62 14.28 -15.14
C SER A 511 -15.05 13.66 -16.43
N VAL A 512 -15.50 14.48 -17.38
CA VAL A 512 -16.03 13.93 -18.62
C VAL A 512 -15.53 14.62 -19.88
N GLY A 513 -15.49 13.87 -20.96
CA GLY A 513 -15.30 14.44 -22.27
C GLY A 513 -16.38 13.87 -23.17
N LEU A 514 -16.50 14.42 -24.36
CA LEU A 514 -17.43 13.89 -25.36
C LEU A 514 -16.66 13.75 -26.65
N ILE A 515 -16.56 12.52 -27.13
CA ILE A 515 -15.77 12.21 -28.31
C ILE A 515 -16.65 12.11 -29.54
N ASN A 516 -16.24 12.79 -30.61
CA ASN A 516 -16.90 12.66 -31.90
C ASN A 516 -16.53 11.31 -32.52
N PRO A 517 -17.52 10.42 -32.69
CA PRO A 517 -17.19 9.07 -33.17
C PRO A 517 -16.67 9.09 -34.60
N GLU A 518 -17.01 10.14 -35.35
CA GLU A 518 -16.62 10.21 -36.76
C GLU A 518 -15.16 10.61 -36.98
N ASN A 519 -14.54 11.35 -36.05
CA ASN A 519 -13.14 11.76 -36.21
C ASN A 519 -12.28 11.65 -34.97
N GLY A 520 -12.87 11.22 -33.85
CA GLY A 520 -12.11 11.02 -32.63
C GLY A 520 -11.78 12.29 -31.85
N LYS A 521 -12.36 13.42 -32.26
CA LYS A 521 -12.05 14.71 -31.62
C LYS A 521 -12.86 15.00 -30.36
N GLU A 522 -12.29 15.82 -29.46
CA GLU A 522 -13.00 16.32 -28.29
C GLU A 522 -14.11 17.26 -28.75
N MET A 523 -15.29 17.16 -28.13
CA MET A 523 -16.37 18.04 -28.57
C MET A 523 -16.65 19.14 -27.55
N ILE A 524 -16.16 18.97 -26.32
CA ILE A 524 -16.34 19.97 -25.28
C ILE A 524 -15.06 20.18 -24.50
N SER A 525 -14.94 21.33 -23.86
CA SER A 525 -13.81 21.59 -22.99
C SER A 525 -13.88 20.72 -21.75
N GLN A 526 -12.75 20.61 -21.04
CA GLN A 526 -12.67 19.90 -19.76
C GLN A 526 -13.85 20.25 -18.88
N THR A 527 -14.50 19.22 -18.36
CA THR A 527 -15.75 19.40 -17.63
C THR A 527 -15.82 18.41 -16.49
N THR A 528 -16.10 18.89 -15.28
CA THR A 528 -16.27 17.96 -14.18
C THR A 528 -17.68 18.14 -13.67
N LEU A 529 -18.53 17.14 -13.93
CA LEU A 529 -19.89 17.13 -13.41
C LEU A 529 -19.87 16.91 -11.90
N GLU A 530 -20.65 17.71 -11.19
CA GLU A 530 -20.75 17.53 -9.76
C GLU A 530 -22.07 16.86 -9.45
N LEU A 531 -22.03 15.55 -9.20
CA LEU A 531 -23.23 14.81 -8.84
C LEU A 531 -23.40 14.85 -7.33
N THR A 532 -24.49 15.43 -6.86
CA THR A 532 -24.66 15.58 -5.42
C THR A 532 -25.97 14.98 -4.94
N LYS A 533 -26.75 14.47 -5.88
CA LYS A 533 -28.01 13.84 -5.52
C LYS A 533 -27.97 12.36 -5.90
N GLU A 534 -29.03 11.65 -5.56
CA GLU A 534 -29.13 10.24 -5.92
C GLU A 534 -29.09 10.07 -7.45
N SER A 535 -29.67 11.03 -8.15
CA SER A 535 -29.61 11.05 -9.61
C SER A 535 -29.70 12.49 -10.12
N ASP A 536 -29.18 12.71 -11.31
CA ASP A 536 -29.27 14.02 -11.93
C ASP A 536 -29.19 13.87 -13.45
N THR A 537 -29.63 14.88 -14.18
CA THR A 537 -29.50 14.86 -15.64
C THR A 537 -28.68 16.07 -16.07
N PHE A 538 -27.60 15.81 -16.81
CA PHE A 538 -26.70 16.86 -17.28
C PHE A 538 -26.90 17.04 -18.78
N VAL A 539 -27.24 18.27 -19.17
CA VAL A 539 -27.60 18.55 -20.57
C VAL A 539 -26.54 19.45 -21.21
N PHE A 540 -26.21 19.15 -22.46
CA PHE A 540 -25.22 19.89 -23.23
C PHE A 540 -25.87 20.30 -24.53
N ASN A 541 -25.82 21.59 -24.82
CA ASN A 541 -26.32 22.12 -26.08
C ASN A 541 -25.20 22.27 -27.09
N ASN A 542 -25.57 22.48 -28.35
CA ASN A 542 -24.61 22.72 -29.41
C ASN A 542 -23.62 21.56 -29.53
N ILE A 543 -24.18 20.35 -29.48
CA ILE A 543 -23.44 19.11 -29.67
C ILE A 543 -23.81 18.62 -31.06
N ALA A 544 -22.85 18.68 -32.00
CA ALA A 544 -23.19 18.70 -33.42
C ALA A 544 -23.59 17.33 -33.93
N VAL A 545 -23.12 16.30 -33.23
CA VAL A 545 -23.33 14.94 -33.69
C VAL A 545 -23.40 14.10 -32.42
N LYS A 546 -23.97 12.90 -32.51
CA LYS A 546 -24.09 12.06 -31.32
C LYS A 546 -22.72 11.65 -30.81
N PRO A 547 -22.37 12.06 -29.58
CA PRO A 547 -21.02 11.74 -29.09
C PRO A 547 -20.94 10.36 -28.45
N ILE A 548 -19.71 9.95 -28.17
CA ILE A 548 -19.48 8.86 -27.23
C ILE A 548 -18.88 9.50 -26.00
N PRO A 549 -19.53 9.32 -24.84
CA PRO A 549 -19.08 9.94 -23.60
C PRO A 549 -17.84 9.26 -23.06
N SER A 550 -16.88 10.08 -22.63
CA SER A 550 -15.66 9.62 -22.01
C SER A 550 -15.81 9.93 -20.54
N LEU A 551 -16.12 8.91 -19.73
CA LEU A 551 -16.60 9.14 -18.35
C LEU A 551 -15.61 8.80 -17.25
N PHE A 552 -15.56 9.66 -16.23
CA PHE A 552 -14.63 9.49 -15.10
C PHE A 552 -13.20 9.50 -15.55
N ARG A 553 -12.86 10.45 -16.41
CA ARG A 553 -11.50 10.59 -16.88
C ARG A 553 -10.51 10.68 -15.71
N GLY A 554 -9.36 10.01 -15.86
CA GLY A 554 -8.39 9.93 -14.78
C GLY A 554 -8.85 9.08 -13.61
N PHE A 555 -9.98 8.38 -13.78
CA PHE A 555 -10.72 7.66 -12.70
C PHE A 555 -11.05 8.67 -11.58
N SER A 556 -12.02 9.55 -11.85
CA SER A 556 -12.14 10.76 -11.04
C SER A 556 -12.91 10.58 -9.72
N ALA A 557 -13.43 9.39 -9.47
CA ALA A 557 -14.05 9.08 -8.18
C ALA A 557 -13.93 7.59 -7.94
N PRO A 558 -13.81 7.19 -6.68
CA PRO A 558 -13.59 5.76 -6.41
C PRO A 558 -14.91 4.97 -6.39
N VAL A 559 -15.36 4.57 -7.58
CA VAL A 559 -16.72 4.04 -7.75
C VAL A 559 -16.69 2.92 -8.75
N TYR A 560 -17.74 2.11 -8.68
CA TYR A 560 -18.05 1.18 -9.76
C TYR A 560 -18.69 1.95 -10.91
N ILE A 561 -18.06 1.91 -12.07
CA ILE A 561 -18.57 2.61 -13.23
C ILE A 561 -19.37 1.68 -14.15
N GLU A 562 -20.63 2.00 -14.34
CA GLU A 562 -21.46 1.24 -15.28
C GLU A 562 -21.78 2.12 -16.49
N ASP A 563 -20.93 2.04 -17.52
CA ASP A 563 -20.93 3.06 -18.60
C ASP A 563 -22.11 2.83 -19.58
N GLN A 564 -22.70 1.62 -19.53
CA GLN A 564 -23.82 1.28 -20.41
C GLN A 564 -23.53 1.56 -21.87
N LEU A 565 -22.26 1.48 -22.26
CA LEU A 565 -21.88 1.65 -23.66
C LEU A 565 -21.86 0.31 -24.40
N THR A 566 -22.04 0.34 -25.72
CA THR A 566 -21.90 -0.89 -26.49
C THR A 566 -20.43 -1.23 -26.64
N ASP A 567 -20.13 -2.45 -27.06
CA ASP A 567 -18.73 -2.79 -27.28
C ASP A 567 -18.16 -1.99 -28.45
N GLU A 568 -19.00 -1.66 -29.44
CA GLU A 568 -18.55 -0.83 -30.54
C GLU A 568 -18.10 0.57 -30.05
N GLU A 569 -18.90 1.18 -29.18
CA GLU A 569 -18.54 2.44 -28.55
C GLU A 569 -17.26 2.32 -27.70
N ARG A 570 -17.15 1.23 -26.94
CA ARG A 570 -15.95 1.04 -26.12
C ARG A 570 -14.71 0.86 -26.98
N ILE A 571 -14.85 0.20 -28.13
CA ILE A 571 -13.70 0.02 -29.02
C ILE A 571 -13.27 1.37 -29.55
N LEU A 572 -14.25 2.21 -29.85
CA LEU A 572 -13.92 3.53 -30.39
C LEU A 572 -13.18 4.35 -29.33
N LEU A 573 -13.60 4.24 -28.07
CA LEU A 573 -12.91 4.97 -26.99
C LEU A 573 -11.49 4.44 -26.84
N LEU A 574 -11.40 3.12 -26.86
CA LEU A 574 -10.12 2.46 -26.71
C LEU A 574 -9.13 2.91 -27.77
N LYS A 575 -9.60 3.05 -29.02
CA LYS A 575 -8.71 3.47 -30.08
C LYS A 575 -8.43 4.96 -30.07
N TYR A 576 -9.45 5.77 -29.78
CA TYR A 576 -9.33 7.19 -30.09
C TYR A 576 -9.49 8.21 -28.94
N ASP A 577 -9.92 7.76 -27.76
CA ASP A 577 -10.10 8.70 -26.65
C ASP A 577 -8.74 9.28 -26.21
N SER A 578 -8.77 10.48 -25.63
CA SER A 578 -7.55 11.13 -25.13
C SER A 578 -7.15 10.68 -23.73
N ASP A 579 -8.09 10.10 -22.99
CA ASP A 579 -7.81 9.80 -21.58
C ASP A 579 -7.35 8.36 -21.39
N ALA A 580 -6.15 8.18 -20.83
CA ALA A 580 -5.60 6.82 -20.61
C ALA A 580 -6.53 5.94 -19.80
N PHE A 581 -7.03 6.44 -18.66
CA PHE A 581 -7.90 5.61 -17.87
C PHE A 581 -9.17 5.20 -18.65
N VAL A 582 -9.82 6.12 -19.35
CA VAL A 582 -11.08 5.71 -20.00
C VAL A 582 -10.78 4.66 -21.11
N ARG A 583 -9.63 4.77 -21.76
CA ARG A 583 -9.27 3.77 -22.78
C ARG A 583 -9.10 2.40 -22.12
N TYR A 584 -8.30 2.40 -21.05
CA TYR A 584 -8.05 1.21 -20.23
C TYR A 584 -9.36 0.66 -19.64
N ASN A 585 -10.25 1.53 -19.16
CA ASN A 585 -11.49 1.06 -18.59
C ASN A 585 -12.42 0.49 -19.67
N SER A 586 -12.41 1.12 -20.84
CA SER A 586 -13.23 0.62 -21.92
C SER A 586 -12.79 -0.80 -22.30
N CYS A 587 -11.49 -1.01 -22.43
CA CYS A 587 -10.94 -2.35 -22.60
C CYS A 587 -11.34 -3.31 -21.47
N THR A 588 -11.19 -2.85 -20.22
CA THR A 588 -11.61 -3.65 -19.08
C THR A 588 -13.08 -4.10 -19.19
N ASN A 589 -13.94 -3.17 -19.61
CA ASN A 589 -15.37 -3.41 -19.66
C ASN A 589 -15.74 -4.42 -20.78
N ILE A 590 -15.04 -4.33 -21.89
CA ILE A 590 -15.20 -5.29 -22.99
C ILE A 590 -14.82 -6.69 -22.48
N TYR A 591 -13.66 -6.79 -21.82
CA TYR A 591 -13.26 -8.05 -21.23
C TYR A 591 -14.27 -8.54 -20.22
N MET A 592 -14.75 -7.66 -19.33
CA MET A 592 -15.68 -8.14 -18.31
C MET A 592 -16.98 -8.69 -18.91
N LYS A 593 -17.49 -8.02 -19.92
CA LYS A 593 -18.71 -8.51 -20.56
C LYS A 593 -18.46 -9.92 -21.12
N GLN A 594 -17.29 -10.09 -21.70
CA GLN A 594 -16.92 -11.37 -22.30
C GLN A 594 -16.74 -12.45 -21.20
N ILE A 595 -16.03 -12.09 -20.16
CA ILE A 595 -15.78 -13.01 -19.04
C ILE A 595 -17.08 -13.45 -18.39
N LEU A 596 -17.99 -12.52 -18.14
CA LEU A 596 -19.25 -12.88 -17.51
C LEU A 596 -20.05 -13.81 -18.41
N MET A 597 -20.01 -13.55 -19.72
CA MET A 597 -20.80 -14.35 -20.66
CA MET A 597 -20.79 -14.35 -20.66
C MET A 597 -20.25 -15.78 -20.75
N ASN A 598 -18.94 -15.92 -20.96
CA ASN A 598 -18.33 -17.23 -21.06
C ASN A 598 -18.40 -17.98 -19.73
N TYR A 599 -18.21 -17.26 -18.64
CA TYR A 599 -18.32 -17.88 -17.33
C TYR A 599 -19.69 -18.56 -17.17
N ASN A 600 -20.75 -17.84 -17.50
CA ASN A 600 -22.11 -18.37 -17.38
CA ASN A 600 -22.07 -18.41 -17.31
C ASN A 600 -22.32 -19.56 -18.30
N GLU A 601 -21.71 -19.51 -19.48
CA GLU A 601 -21.87 -20.62 -20.44
C GLU A 601 -21.13 -21.87 -19.93
N PHE A 602 -19.92 -21.68 -19.41
CA PHE A 602 -19.19 -22.80 -18.82
C PHE A 602 -19.92 -23.35 -17.57
N LEU A 603 -20.49 -22.44 -16.78
CA LEU A 603 -21.16 -22.79 -15.53
C LEU A 603 -22.39 -23.61 -15.84
N LYS A 604 -23.15 -23.15 -16.82
CA LYS A 604 -24.35 -23.86 -17.22
C LYS A 604 -24.01 -25.26 -17.71
N ALA A 605 -22.89 -25.38 -18.44
CA ALA A 605 -22.55 -26.69 -19.01
C ALA A 605 -22.12 -27.64 -17.91
N LYS A 606 -21.45 -27.10 -16.91
CA LYS A 606 -20.97 -27.86 -15.75
C LYS A 606 -22.16 -28.31 -14.92
N ASN A 607 -23.05 -27.38 -14.62
CA ASN A 607 -24.24 -27.70 -13.83
C ASN A 607 -25.16 -28.71 -14.51
N GLU A 608 -25.38 -28.54 -15.80
CA GLU A 608 -26.27 -29.44 -16.53
C GLU A 608 -25.56 -30.69 -17.08
N LYS A 609 -24.26 -30.81 -16.81
CA LYS A 609 -23.49 -31.99 -17.24
C LYS A 609 -23.64 -32.21 -18.76
N LEU A 610 -23.52 -31.12 -19.50
CA LEU A 610 -23.72 -31.12 -20.95
C LEU A 610 -22.61 -31.86 -21.69
N GLU A 611 -23.02 -32.67 -22.67
CA GLU A 611 -22.07 -33.40 -23.51
C GLU A 611 -21.49 -32.48 -24.57
N SER A 612 -22.25 -31.45 -24.91
CA SER A 612 -21.77 -30.44 -25.84
C SER A 612 -22.47 -29.15 -25.53
N PHE A 613 -21.87 -28.05 -25.98
CA PHE A 613 -22.41 -26.72 -25.77
C PHE A 613 -21.59 -25.72 -26.56
N GLN A 614 -22.09 -24.49 -26.64
CA GLN A 614 -21.39 -23.45 -27.35
C GLN A 614 -20.85 -22.36 -26.42
N LEU A 615 -19.77 -21.74 -26.88
CA LEU A 615 -19.18 -20.59 -26.22
C LEU A 615 -19.24 -19.36 -27.12
N THR A 616 -19.60 -18.21 -26.57
CA THR A 616 -19.60 -16.98 -27.36
C THR A 616 -18.16 -16.57 -27.67
N PRO A 617 -17.76 -16.47 -28.94
CA PRO A 617 -16.40 -16.04 -29.23
C PRO A 617 -16.12 -14.61 -28.79
N VAL A 618 -14.83 -14.30 -28.71
CA VAL A 618 -14.39 -12.96 -28.39
C VAL A 618 -14.71 -12.04 -29.58
N ASN A 619 -15.20 -10.82 -29.29
CA ASN A 619 -15.54 -9.84 -30.33
C ASN A 619 -14.38 -9.63 -31.31
N ALA A 620 -14.60 -9.88 -32.59
CA ALA A 620 -13.53 -9.85 -33.58
C ALA A 620 -13.00 -8.44 -33.79
N GLN A 621 -13.89 -7.46 -33.69
CA GLN A 621 -13.48 -6.05 -33.86
C GLN A 621 -12.64 -5.60 -32.68
N PHE A 622 -12.88 -6.20 -31.52
CA PHE A 622 -12.08 -5.94 -30.32
C PHE A 622 -10.67 -6.48 -30.50
N ILE A 623 -10.55 -7.73 -30.94
CA ILE A 623 -9.24 -8.29 -31.29
C ILE A 623 -8.52 -7.44 -32.34
N ASP A 624 -9.24 -6.95 -33.35
CA ASP A 624 -8.67 -6.06 -34.36
C ASP A 624 -8.11 -4.76 -33.76
N ALA A 625 -8.82 -4.22 -32.78
CA ALA A 625 -8.41 -2.99 -32.12
C ALA A 625 -7.17 -3.22 -31.30
N ILE A 626 -7.11 -4.36 -30.60
CA ILE A 626 -5.88 -4.69 -29.88
C ILE A 626 -4.71 -4.74 -30.84
N LYS A 627 -4.89 -5.42 -31.97
CA LYS A 627 -3.83 -5.50 -32.99
C LYS A 627 -3.42 -4.11 -33.49
N TYR A 628 -4.41 -3.28 -33.78
CA TYR A 628 -4.17 -1.89 -34.20
C TYR A 628 -3.27 -1.13 -33.20
N LEU A 629 -3.60 -1.20 -31.92
CA LEU A 629 -2.84 -0.52 -30.89
C LEU A 629 -1.44 -1.13 -30.73
N LEU A 630 -1.33 -2.46 -30.71
CA LEU A 630 -0.03 -3.09 -30.53
C LEU A 630 0.92 -2.71 -31.67
N GLU A 631 0.35 -2.49 -32.85
CA GLU A 631 1.18 -2.27 -34.03
C GLU A 631 1.49 -0.79 -34.24
N ASP A 632 0.90 0.04 -33.40
CA ASP A 632 1.17 1.48 -33.47
C ASP A 632 2.51 1.78 -32.77
N PRO A 633 3.52 2.19 -33.55
CA PRO A 633 4.85 2.42 -32.97
C PRO A 633 4.82 3.61 -32.02
N HIS A 634 3.79 4.42 -32.12
CA HIS A 634 3.73 5.66 -31.35
C HIS A 634 2.96 5.46 -30.07
N ALA A 635 2.38 4.27 -29.90
CA ALA A 635 1.59 3.97 -28.70
C ALA A 635 2.49 3.49 -27.57
N ASP A 636 2.01 3.65 -26.34
CA ASP A 636 2.78 3.37 -25.12
C ASP A 636 2.91 1.89 -24.76
N ALA A 637 4.16 1.44 -24.54
CA ALA A 637 4.44 0.05 -24.23
C ALA A 637 3.75 -0.47 -22.99
N GLY A 638 3.74 0.33 -21.92
CA GLY A 638 3.09 -0.08 -20.68
C GLY A 638 1.58 -0.23 -20.85
N PHE A 639 0.97 0.73 -21.54
CA PHE A 639 -0.45 0.63 -21.87
C PHE A 639 -0.73 -0.65 -22.68
N LYS A 640 0.13 -0.94 -23.64
CA LYS A 640 -0.01 -2.14 -24.48
C LYS A 640 -0.07 -3.39 -23.62
N SER A 641 0.76 -3.46 -22.57
CA SER A 641 0.80 -4.65 -21.73
C SER A 641 -0.51 -4.80 -20.96
N TYR A 642 -1.16 -3.68 -20.66
CA TYR A 642 -2.46 -3.74 -19.99
C TYR A 642 -3.53 -4.29 -20.94
N ILE A 643 -3.51 -3.89 -22.21
CA ILE A 643 -4.64 -4.25 -23.06
C ILE A 643 -4.60 -5.76 -23.42
N VAL A 644 -3.43 -6.40 -23.35
CA VAL A 644 -3.38 -7.85 -23.64
C VAL A 644 -3.55 -8.71 -22.37
N SER A 645 -3.77 -8.05 -21.25
CA SER A 645 -3.98 -8.76 -19.99
C SER A 645 -5.45 -8.68 -19.57
N LEU A 646 -6.03 -9.81 -19.20
CA LEU A 646 -7.40 -9.80 -18.68
C LEU A 646 -7.40 -9.10 -17.33
N PRO A 647 -8.56 -8.58 -16.90
CA PRO A 647 -8.68 -7.97 -15.57
C PRO A 647 -8.25 -8.96 -14.48
N GLN A 648 -7.66 -8.42 -13.42
CA GLN A 648 -7.33 -9.21 -12.24
C GLN A 648 -8.46 -10.07 -11.71
N ASP A 649 -8.12 -11.26 -11.22
CA ASP A 649 -9.09 -12.14 -10.62
C ASP A 649 -9.85 -11.45 -9.48
N ARG A 650 -9.14 -10.62 -8.69
CA ARG A 650 -9.80 -9.98 -7.56
C ARG A 650 -10.69 -8.81 -7.98
N TYR A 651 -10.50 -8.32 -9.21
CA TYR A 651 -11.44 -7.38 -9.80
C TYR A 651 -12.68 -8.12 -10.30
N ILE A 652 -12.44 -9.22 -11.02
CA ILE A 652 -13.54 -10.04 -11.56
C ILE A 652 -14.50 -10.51 -10.48
N ILE A 653 -13.97 -10.89 -9.32
CA ILE A 653 -14.83 -11.55 -8.32
C ILE A 653 -15.90 -10.59 -7.75
N ASN A 654 -15.67 -9.28 -7.82
CA ASN A 654 -16.70 -8.31 -7.39
C ASN A 654 -17.97 -8.36 -8.25
N PHE A 655 -17.90 -9.06 -9.39
CA PHE A 655 -19.03 -9.09 -10.29
C PHE A 655 -19.69 -10.47 -10.40
N VAL A 656 -19.21 -11.44 -9.64
CA VAL A 656 -19.76 -12.80 -9.74
C VAL A 656 -20.15 -13.35 -8.39
N SER A 657 -21.38 -13.85 -8.25
CA SER A 657 -21.78 -14.47 -7.00
C SER A 657 -21.38 -15.93 -6.99
N ASN A 658 -21.01 -16.46 -5.84
CA ASN A 658 -20.71 -17.88 -5.71
C ASN A 658 -19.70 -18.32 -6.76
N LEU A 659 -18.65 -17.52 -6.93
CA LEU A 659 -17.63 -17.76 -7.95
C LEU A 659 -17.02 -19.14 -7.88
N ASP A 660 -17.19 -19.92 -8.95
CA ASP A 660 -16.51 -21.20 -9.09
C ASP A 660 -15.15 -20.91 -9.73
N THR A 661 -14.07 -21.08 -8.97
CA THR A 661 -12.76 -20.65 -9.45
C THR A 661 -12.27 -21.51 -10.63
N ASP A 662 -12.72 -22.76 -10.68
CA ASP A 662 -12.39 -23.63 -11.80
C ASP A 662 -13.01 -23.14 -13.07
N VAL A 663 -14.26 -22.68 -12.96
CA VAL A 663 -15.00 -22.19 -14.12
C VAL A 663 -14.39 -20.88 -14.55
N LEU A 664 -13.98 -20.04 -13.59
CA LEU A 664 -13.33 -18.81 -13.98
C LEU A 664 -11.98 -19.11 -14.68
N ALA A 665 -11.26 -20.11 -14.18
CA ALA A 665 -10.00 -20.45 -14.80
C ALA A 665 -10.23 -20.95 -16.26
N ASP A 666 -11.23 -21.80 -16.48
CA ASP A 666 -11.57 -22.22 -17.84
C ASP A 666 -11.98 -21.04 -18.72
N THR A 667 -12.68 -20.08 -18.13
CA THR A 667 -13.14 -18.91 -18.85
C THR A 667 -11.96 -18.07 -19.34
N LYS A 668 -11.03 -17.77 -18.43
CA LYS A 668 -9.85 -17.01 -18.79
C LYS A 668 -9.05 -17.73 -19.86
N GLU A 669 -8.91 -19.03 -19.68
CA GLU A 669 -8.13 -19.85 -20.63
C GLU A 669 -8.70 -19.71 -22.03
N TYR A 670 -10.02 -19.83 -22.12
CA TYR A 670 -10.70 -19.78 -23.41
C TYR A 670 -10.46 -18.43 -24.07
N ILE A 671 -10.62 -17.36 -23.28
CA ILE A 671 -10.52 -16.01 -23.83
C ILE A 671 -9.09 -15.70 -24.30
N TYR A 672 -8.09 -16.05 -23.49
CA TYR A 672 -6.70 -15.91 -23.89
C TYR A 672 -6.38 -16.74 -25.15
N LYS A 673 -6.96 -17.93 -25.28
CA LYS A 673 -6.62 -18.76 -26.43
C LYS A 673 -7.27 -18.18 -27.71
N GLN A 674 -8.50 -17.68 -27.57
CA GLN A 674 -9.20 -17.03 -28.67
C GLN A 674 -8.38 -15.87 -29.23
N ILE A 675 -7.86 -15.03 -28.33
CA ILE A 675 -7.14 -13.86 -28.79
C ILE A 675 -5.77 -14.25 -29.35
N GLY A 676 -5.10 -15.18 -28.68
CA GLY A 676 -3.82 -15.70 -29.13
C GLY A 676 -3.87 -16.40 -30.48
N ASP A 677 -4.94 -17.13 -30.71
CA ASP A 677 -5.11 -17.80 -32.02
C ASP A 677 -5.13 -16.79 -33.19
N LYS A 678 -5.54 -15.56 -32.90
CA LYS A 678 -5.55 -14.49 -33.89
C LYS A 678 -4.25 -13.67 -33.87
N LEU A 679 -3.71 -13.42 -32.68
CA LEU A 679 -2.63 -12.43 -32.54
C LEU A 679 -1.23 -12.94 -32.21
N ASN A 680 -1.03 -14.25 -32.04
CA ASN A 680 0.28 -14.73 -31.59
C ASN A 680 1.43 -14.33 -32.52
N ASP A 681 1.20 -14.30 -33.83
CA ASP A 681 2.26 -13.94 -34.76
C ASP A 681 2.65 -12.48 -34.55
N VAL A 682 1.64 -11.65 -34.30
CA VAL A 682 1.83 -10.25 -33.92
C VAL A 682 2.65 -10.17 -32.61
N TYR A 683 2.25 -10.92 -31.58
CA TYR A 683 3.00 -10.94 -30.32
C TYR A 683 4.46 -11.32 -30.53
N TYR A 684 4.70 -12.34 -31.35
CA TYR A 684 6.06 -12.83 -31.55
C TYR A 684 6.90 -11.76 -32.24
N LYS A 685 6.34 -11.16 -33.27
CA LYS A 685 7.04 -10.13 -34.03
C LYS A 685 7.45 -8.97 -33.12
N MET A 686 6.54 -8.58 -32.23
CA MET A 686 6.80 -7.48 -31.31
C MET A 686 7.81 -7.88 -30.24
N PHE A 687 7.68 -9.09 -29.72
CA PHE A 687 8.67 -9.59 -28.76
C PHE A 687 10.07 -9.46 -29.34
N LYS A 688 10.22 -9.77 -30.63
CA LYS A 688 11.54 -9.73 -31.23
C LYS A 688 11.98 -8.29 -31.51
N SER A 689 11.07 -7.45 -32.00
CA SER A 689 11.45 -6.11 -32.42
C SER A 689 11.69 -5.19 -31.24
N LEU A 690 11.06 -5.49 -30.10
CA LEU A 690 11.25 -4.69 -28.89
C LEU A 690 12.59 -4.95 -28.21
N GLU A 691 13.28 -6.01 -28.61
CA GLU A 691 14.45 -6.47 -27.86
C GLU A 691 15.54 -5.40 -27.75
N ALA A 692 15.87 -4.77 -28.88
CA ALA A 692 16.96 -3.80 -28.93
C ALA A 692 16.80 -2.68 -27.89
N LYS A 693 15.64 -2.03 -27.90
CA LYS A 693 15.43 -0.92 -26.96
C LYS A 693 15.11 -1.38 -25.54
N ALA A 694 14.37 -2.45 -25.40
CA ALA A 694 13.97 -2.88 -24.07
C ALA A 694 15.17 -3.38 -23.27
N ASP A 695 16.10 -4.06 -23.93
CA ASP A 695 17.21 -4.67 -23.19
C ASP A 695 18.53 -3.90 -23.34
N ASP A 696 18.45 -2.68 -23.86
CA ASP A 696 19.62 -1.80 -23.99
C ASP A 696 20.44 -1.73 -22.69
N LEU A 697 21.73 -1.96 -22.81
CA LEU A 697 22.62 -2.03 -21.66
C LEU A 697 23.47 -0.77 -21.45
N THR A 698 23.23 0.25 -22.26
CA THR A 698 24.03 1.49 -22.24
C THR A 698 24.21 2.05 -20.83
N TYR A 699 23.16 2.00 -20.01
CA TYR A 699 23.26 2.58 -18.68
C TYR A 699 23.14 1.53 -17.58
N PHE A 700 23.44 0.28 -17.91
CA PHE A 700 23.30 -0.81 -16.95
C PHE A 700 24.17 -0.60 -15.71
N ASN A 701 25.34 0.04 -15.86
CA ASN A 701 26.17 0.32 -14.70
C ASN A 701 26.08 1.73 -14.15
N ASP A 702 25.02 2.44 -14.52
CA ASP A 702 24.74 3.75 -13.95
C ASP A 702 23.50 3.62 -13.09
N GLU A 703 23.71 3.53 -11.77
CA GLU A 703 22.62 3.26 -10.83
C GLU A 703 21.67 4.44 -10.65
N SER A 704 22.02 5.58 -11.23
CA SER A 704 21.16 6.76 -11.10
C SER A 704 20.37 7.04 -12.36
N HIS A 705 20.54 6.19 -13.37
CA HIS A 705 19.84 6.36 -14.63
C HIS A 705 18.70 5.38 -14.70
N VAL A 706 17.47 5.87 -14.54
CA VAL A 706 16.32 5.01 -14.54
C VAL A 706 15.33 5.46 -15.60
N ASP A 707 14.96 4.53 -16.47
CA ASP A 707 14.15 4.83 -17.63
C ASP A 707 12.86 4.02 -17.54
N PHE A 708 11.78 4.69 -17.14
CA PHE A 708 10.54 4.01 -16.90
C PHE A 708 9.88 3.50 -18.17
N ASP A 709 10.06 4.21 -19.29
CA ASP A 709 9.60 3.72 -20.59
CA ASP A 709 9.56 3.70 -20.55
C ASP A 709 10.29 2.42 -20.97
N GLN A 710 11.62 2.39 -20.81
CA GLN A 710 12.36 1.18 -21.16
C GLN A 710 11.89 0.00 -20.30
N MET A 711 11.68 0.24 -19.01
CA MET A 711 11.16 -0.81 -18.14
C MET A 711 9.76 -1.24 -18.56
N ASN A 712 8.94 -0.30 -19.02
CA ASN A 712 7.63 -0.69 -19.58
C ASN A 712 7.78 -1.54 -20.85
N MET A 713 8.83 -1.31 -21.64
CA MET A 713 9.04 -2.14 -22.82
C MET A 713 9.39 -3.56 -22.40
N ARG A 714 10.16 -3.69 -21.32
CA ARG A 714 10.48 -5.01 -20.80
C ARG A 714 9.24 -5.68 -20.24
N THR A 715 8.37 -4.90 -19.59
CA THR A 715 7.12 -5.46 -19.11
C THR A 715 6.31 -6.00 -20.26
N LEU A 716 6.24 -5.24 -21.35
CA LEU A 716 5.49 -5.68 -22.52
C LEU A 716 6.11 -6.97 -23.08
N ARG A 717 7.43 -7.00 -23.26
CA ARG A 717 8.11 -8.19 -23.79
C ARG A 717 7.86 -9.42 -22.93
N ASN A 718 7.93 -9.23 -21.62
CA ASN A 718 7.75 -10.33 -20.69
C ASN A 718 6.29 -10.80 -20.59
N THR A 719 5.37 -9.87 -20.83
CA THR A 719 3.96 -10.20 -20.90
C THR A 719 3.69 -11.01 -22.18
N LEU A 720 4.18 -10.51 -23.31
CA LEU A 720 4.06 -11.24 -24.57
C LEU A 720 4.72 -12.61 -24.49
N LEU A 721 5.89 -12.69 -23.88
CA LEU A 721 6.57 -13.96 -23.80
C LEU A 721 5.75 -14.96 -23.00
N SER A 722 5.09 -14.49 -21.94
CA SER A 722 4.20 -15.34 -21.16
C SER A 722 3.05 -15.87 -22.01
N LEU A 723 2.42 -14.98 -22.77
CA LEU A 723 1.33 -15.37 -23.67
C LEU A 723 1.77 -16.39 -24.71
N LEU A 724 2.98 -16.20 -25.25
CA LEU A 724 3.51 -17.11 -26.27
C LEU A 724 3.90 -18.45 -25.69
N SER A 725 4.37 -18.46 -24.44
CA SER A 725 4.79 -19.70 -23.80
C SER A 725 3.60 -20.58 -23.43
N LYS A 726 2.56 -19.93 -22.89
CA LYS A 726 1.35 -20.65 -22.53
C LYS A 726 0.80 -21.29 -23.78
N ALA A 727 0.86 -20.56 -24.89
CA ALA A 727 0.27 -20.99 -26.16
C ALA A 727 1.15 -22.00 -26.91
N GLN A 728 2.32 -22.32 -26.35
CA GLN A 728 3.24 -23.28 -26.96
C GLN A 728 3.59 -22.87 -28.39
N TYR A 729 3.76 -21.57 -28.60
CA TYR A 729 4.12 -21.04 -29.91
C TYR A 729 5.35 -21.77 -30.44
N PRO A 730 5.36 -22.12 -31.75
CA PRO A 730 6.45 -22.94 -32.29
C PRO A 730 7.85 -22.41 -31.96
N ASN A 731 8.65 -23.28 -31.36
CA ASN A 731 10.05 -23.01 -31.00
C ASN A 731 10.25 -21.83 -30.05
N ILE A 732 9.25 -21.51 -29.26
CA ILE A 732 9.37 -20.39 -28.33
C ILE A 732 10.37 -20.72 -27.21
N LEU A 733 10.59 -22.01 -26.95
CA LEU A 733 11.53 -22.41 -25.91
C LEU A 733 12.91 -21.87 -26.23
N ASN A 734 13.22 -21.81 -27.52
CA ASN A 734 14.45 -21.17 -27.97
C ASN A 734 14.57 -19.77 -27.37
N GLU A 735 13.47 -19.01 -27.46
CA GLU A 735 13.48 -17.63 -26.97
C GLU A 735 13.56 -17.57 -25.46
N ILE A 736 12.91 -18.53 -24.80
CA ILE A 736 12.96 -18.61 -23.35
C ILE A 736 14.38 -18.83 -22.85
N ILE A 737 15.08 -19.74 -23.52
CA ILE A 737 16.45 -20.05 -23.12
C ILE A 737 17.38 -18.86 -23.30
N GLU A 738 17.24 -18.15 -24.41
CA GLU A 738 18.06 -16.97 -24.68
C GLU A 738 17.73 -15.89 -23.67
N HIS A 739 16.46 -15.79 -23.34
CA HIS A 739 15.99 -14.79 -22.38
C HIS A 739 16.65 -15.00 -21.01
N SER A 740 16.87 -16.26 -20.64
CA SER A 740 17.48 -16.59 -19.34
C SER A 740 18.93 -16.10 -19.21
N LYS A 741 19.52 -15.69 -20.34
CA LYS A 741 20.90 -15.22 -20.35
C LYS A 741 21.01 -13.70 -20.24
N SER A 742 19.86 -13.03 -20.26
CA SER A 742 19.82 -11.57 -20.13
C SER A 742 20.42 -11.08 -18.80
N PRO A 743 21.12 -9.94 -18.82
CA PRO A 743 21.64 -9.34 -17.58
C PRO A 743 20.54 -8.84 -16.64
N TYR A 744 19.35 -8.58 -17.17
CA TYR A 744 18.24 -8.04 -16.37
C TYR A 744 17.44 -9.09 -15.61
N PRO A 745 17.40 -8.98 -14.28
CA PRO A 745 16.66 -9.97 -13.48
C PRO A 745 15.17 -10.06 -13.86
N SER A 746 14.55 -8.96 -14.25
CA SER A 746 13.17 -9.02 -14.71
C SER A 746 13.06 -10.03 -15.87
N ASN A 747 14.05 -10.02 -16.75
CA ASN A 747 14.08 -10.97 -17.85
C ASN A 747 14.41 -12.40 -17.44
N TRP A 748 15.52 -12.61 -16.74
CA TRP A 748 15.86 -13.99 -16.47
C TRP A 748 14.96 -14.63 -15.41
N LEU A 749 14.30 -13.85 -14.55
CA LEU A 749 13.28 -14.47 -13.69
C LEU A 749 12.00 -14.76 -14.47
N THR A 750 11.68 -13.94 -15.46
CA THR A 750 10.54 -14.24 -16.33
C THR A 750 10.80 -15.55 -17.06
N SER A 751 12.06 -15.79 -17.42
CA SER A 751 12.37 -17.00 -18.18
C SER A 751 12.10 -18.24 -17.33
N LEU A 752 12.40 -18.15 -16.04
CA LEU A 752 11.97 -19.17 -15.09
C LEU A 752 10.45 -19.37 -15.12
N SER A 753 9.66 -18.31 -14.88
CA SER A 753 8.22 -18.55 -14.77
C SER A 753 7.58 -18.99 -16.09
N VAL A 754 7.98 -18.46 -17.24
CA VAL A 754 7.39 -18.95 -18.51
C VAL A 754 7.89 -20.35 -18.89
N SER A 755 9.03 -20.78 -18.36
CA SER A 755 9.55 -22.13 -18.67
C SER A 755 8.77 -23.22 -17.96
N ALA A 756 7.85 -22.81 -17.08
CA ALA A 756 6.96 -23.73 -16.36
C ALA A 756 6.24 -24.67 -17.32
N TYR A 757 5.95 -24.19 -18.53
CA TYR A 757 5.19 -24.97 -19.50
C TYR A 757 6.08 -25.94 -20.29
N PHE A 758 7.36 -26.00 -19.92
CA PHE A 758 8.33 -26.85 -20.64
C PHE A 758 9.15 -27.73 -19.70
N ASP A 759 9.74 -28.82 -20.19
CA ASP A 759 10.51 -29.63 -19.25
C ASP A 759 11.92 -29.06 -19.04
N LYS A 760 12.13 -27.80 -19.42
CA LYS A 760 13.34 -27.07 -19.10
C LYS A 760 13.23 -26.36 -17.74
N TYR A 761 12.04 -26.40 -17.14
CA TYR A 761 11.77 -25.62 -15.94
C TYR A 761 12.76 -25.87 -14.81
N PHE A 762 13.02 -27.13 -14.46
CA PHE A 762 13.87 -27.34 -13.30
C PHE A 762 15.33 -27.02 -13.60
N GLU A 763 15.74 -27.08 -14.86
CA GLU A 763 17.07 -26.57 -15.19
C GLU A 763 17.14 -25.04 -15.01
N LEU A 764 16.08 -24.31 -15.37
CA LEU A 764 16.11 -22.85 -15.21
C LEU A 764 15.91 -22.50 -13.74
N TYR A 765 15.16 -23.33 -13.04
CA TYR A 765 15.06 -23.25 -11.59
C TYR A 765 16.44 -23.23 -10.93
N ASP A 766 17.30 -24.19 -11.31
CA ASP A 766 18.62 -24.26 -10.70
C ASP A 766 19.51 -23.12 -11.14
N LYS A 767 19.48 -22.80 -12.43
CA LYS A 767 20.27 -21.69 -12.96
C LYS A 767 19.93 -20.40 -12.22
N THR A 768 18.65 -20.07 -12.16
CA THR A 768 18.23 -18.80 -11.57
C THR A 768 18.42 -18.78 -10.06
N TYR A 769 18.29 -19.94 -9.41
CA TYR A 769 18.65 -20.03 -7.98
C TYR A 769 20.12 -19.68 -7.75
N LYS A 770 20.99 -20.26 -8.56
CA LYS A 770 22.41 -20.00 -8.39
C LYS A 770 22.70 -18.51 -8.58
N LEU A 771 21.98 -17.87 -9.52
CA LEU A 771 22.08 -16.43 -9.72
C LEU A 771 21.55 -15.58 -8.56
N SER A 772 20.59 -16.14 -7.83
CA SER A 772 19.85 -15.35 -6.83
C SER A 772 20.34 -15.52 -5.40
N LYS A 773 20.94 -16.67 -5.11
CA LYS A 773 21.13 -17.08 -3.72
C LYS A 773 22.04 -16.19 -2.87
N ASP A 774 22.87 -15.36 -3.49
CA ASP A 774 23.87 -14.61 -2.74
C ASP A 774 23.47 -13.15 -2.49
N ASP A 775 22.26 -12.79 -2.90
CA ASP A 775 21.70 -11.48 -2.59
C ASP A 775 20.37 -11.71 -1.89
N GLU A 776 20.26 -11.23 -0.66
CA GLU A 776 19.06 -11.48 0.15
C GLU A 776 17.76 -11.07 -0.55
N LEU A 777 17.77 -9.89 -1.17
CA LEU A 777 16.54 -9.38 -1.79
C LEU A 777 16.23 -10.10 -3.09
N LEU A 778 17.27 -10.38 -3.86
CA LEU A 778 17.13 -11.09 -5.11
C LEU A 778 16.58 -12.51 -4.87
N LEU A 779 17.06 -13.16 -3.81
CA LEU A 779 16.56 -14.50 -3.49
C LEU A 779 15.07 -14.44 -3.18
N GLN A 780 14.63 -13.36 -2.54
CA GLN A 780 13.21 -13.21 -2.24
C GLN A 780 12.39 -13.03 -3.53
N GLU A 781 12.93 -12.33 -4.52
CA GLU A 781 12.27 -12.26 -5.83
C GLU A 781 12.26 -13.63 -6.53
N TRP A 782 13.33 -14.40 -6.38
CA TRP A 782 13.36 -15.76 -6.92
C TRP A 782 12.25 -16.60 -6.28
N LEU A 783 12.15 -16.53 -4.96
CA LEU A 783 11.12 -17.26 -4.24
C LEU A 783 9.72 -16.91 -4.76
N LYS A 784 9.47 -15.61 -4.90
CA LYS A 784 8.19 -15.16 -5.47
C LYS A 784 7.93 -15.75 -6.87
N THR A 785 8.97 -15.81 -7.69
CA THR A 785 8.84 -16.31 -9.06
C THR A 785 8.48 -17.77 -9.06
N VAL A 786 9.15 -18.51 -8.20
CA VAL A 786 8.86 -19.92 -8.03
C VAL A 786 7.44 -20.10 -7.53
N SER A 787 7.10 -19.35 -6.48
CA SER A 787 5.78 -19.45 -5.84
C SER A 787 4.65 -19.19 -6.82
N ARG A 788 4.88 -18.25 -7.73
CA ARG A 788 3.87 -17.86 -8.71
C ARG A 788 3.88 -18.71 -9.98
N SER A 789 4.85 -19.62 -10.11
CA SER A 789 4.99 -20.45 -11.32
C SER A 789 3.77 -21.32 -11.61
N ASP A 790 3.36 -21.36 -12.87
CA ASP A 790 2.17 -22.12 -13.25
C ASP A 790 2.53 -23.60 -13.40
N ARG A 791 2.70 -24.27 -12.27
CA ARG A 791 3.16 -25.66 -12.26
C ARG A 791 2.10 -26.59 -11.71
N LYS A 792 1.88 -27.72 -12.39
CA LYS A 792 0.94 -28.72 -11.87
C LYS A 792 1.50 -29.31 -10.57
N ASP A 793 2.82 -29.32 -10.42
CA ASP A 793 3.45 -29.87 -9.21
C ASP A 793 3.84 -28.77 -8.21
N ILE A 794 3.05 -27.69 -8.15
CA ILE A 794 3.41 -26.53 -7.32
C ILE A 794 3.42 -26.87 -5.84
N TYR A 795 2.58 -27.80 -5.41
CA TYR A 795 2.56 -28.14 -3.98
C TYR A 795 3.86 -28.82 -3.58
N GLU A 796 4.36 -29.71 -4.43
CA GLU A 796 5.64 -30.37 -4.19
C GLU A 796 6.80 -29.37 -4.24
N ILE A 797 6.70 -28.45 -5.20
CA ILE A 797 7.67 -27.36 -5.31
C ILE A 797 7.70 -26.48 -4.04
N LEU A 798 6.54 -26.14 -3.49
CA LEU A 798 6.51 -25.33 -2.27
C LEU A 798 7.16 -26.06 -1.11
N LYS A 799 6.91 -27.37 -1.04
CA LYS A 799 7.49 -28.16 0.03
C LYS A 799 9.00 -28.11 -0.06
N LYS A 800 9.50 -28.19 -1.29
CA LYS A 800 10.93 -28.10 -1.57
C LYS A 800 11.48 -26.76 -1.12
N LEU A 801 10.76 -25.67 -1.40
CA LEU A 801 11.17 -24.35 -0.93
C LEU A 801 11.23 -24.29 0.58
N GLU A 802 10.24 -24.87 1.26
CA GLU A 802 10.23 -24.87 2.71
C GLU A 802 11.44 -25.60 3.28
N ASN A 803 11.74 -26.77 2.71
CA ASN A 803 12.78 -27.63 3.24
C ASN A 803 14.18 -27.11 2.93
N GLU A 804 14.36 -26.58 1.73
CA GLU A 804 15.70 -26.28 1.21
C GLU A 804 16.11 -24.82 1.32
N VAL A 805 15.13 -23.91 1.36
CA VAL A 805 15.44 -22.49 1.31
C VAL A 805 14.86 -21.69 2.46
N LEU A 806 13.54 -21.75 2.65
CA LEU A 806 12.88 -20.93 3.69
C LEU A 806 13.25 -21.44 5.08
N LYS A 807 13.10 -22.74 5.30
CA LYS A 807 13.35 -23.37 6.60
C LYS A 807 12.57 -22.61 7.68
N ASP A 808 13.20 -22.33 8.82
CA ASP A 808 12.49 -21.64 9.90
C ASP A 808 12.80 -20.15 9.94
N SER A 809 13.07 -19.54 8.79
CA SER A 809 13.24 -18.09 8.73
C SER A 809 12.03 -17.36 9.33
N LYS A 810 12.30 -16.35 10.14
CA LYS A 810 11.24 -15.50 10.68
C LYS A 810 11.22 -14.16 9.95
N ASN A 811 11.96 -14.04 8.86
CA ASN A 811 11.98 -12.80 8.08
C ASN A 811 10.67 -12.67 7.33
N PRO A 812 9.91 -11.59 7.60
CA PRO A 812 8.60 -11.49 6.92
C PRO A 812 8.71 -11.44 5.40
N ASN A 813 9.80 -10.87 4.88
CA ASN A 813 9.98 -10.86 3.44
C ASN A 813 10.10 -12.29 2.87
N ASP A 814 10.77 -13.18 3.60
CA ASP A 814 10.96 -14.56 3.14
C ASP A 814 9.62 -15.29 3.13
N ILE A 815 8.89 -15.16 4.24
CA ILE A 815 7.62 -15.86 4.41
C ILE A 815 6.57 -15.36 3.39
N ARG A 816 6.46 -14.04 3.25
CA ARG A 816 5.54 -13.49 2.26
C ARG A 816 5.92 -13.90 0.83
N ALA A 817 7.22 -14.02 0.57
CA ALA A 817 7.69 -14.32 -0.79
C ALA A 817 7.29 -15.75 -1.16
N VAL A 818 7.39 -16.66 -0.21
CA VAL A 818 7.12 -18.06 -0.48
C VAL A 818 5.63 -18.30 -0.65
N TYR A 819 4.80 -17.64 0.16
CA TYR A 819 3.39 -18.02 0.21
C TYR A 819 2.39 -17.12 -0.51
N LEU A 820 2.56 -15.80 -0.48
CA LEU A 820 1.51 -14.96 -1.06
C LEU A 820 1.33 -15.11 -2.59
N PRO A 821 2.43 -15.20 -3.37
CA PRO A 821 2.16 -15.32 -4.82
C PRO A 821 1.39 -16.60 -5.16
N PHE A 822 1.75 -17.71 -4.52
CA PHE A 822 1.03 -18.96 -4.69
C PHE A 822 -0.49 -18.79 -4.45
N THR A 823 -0.88 -17.93 -3.50
CA THR A 823 -2.31 -17.80 -3.19
C THR A 823 -3.07 -17.15 -4.34
N ASN A 824 -2.36 -16.60 -5.32
CA ASN A 824 -3.02 -16.07 -6.50
C ASN A 824 -3.14 -17.08 -7.62
N ASN A 825 -2.68 -18.31 -7.39
CA ASN A 825 -2.82 -19.38 -8.37
C ASN A 825 -4.28 -19.85 -8.35
N LEU A 826 -5.05 -19.36 -9.30
CA LEU A 826 -6.50 -19.52 -9.28
C LEU A 826 -6.89 -20.99 -9.29
N ARG A 827 -6.23 -21.79 -10.12
CA ARG A 827 -6.55 -23.20 -10.23
C ARG A 827 -6.03 -24.04 -9.06
N ARG A 828 -4.85 -23.71 -8.54
CA ARG A 828 -4.19 -24.62 -7.59
C ARG A 828 -4.38 -24.23 -6.11
N PHE A 829 -4.27 -22.93 -5.80
CA PHE A 829 -4.52 -22.53 -4.42
C PHE A 829 -5.95 -22.89 -4.04
N HIS A 830 -6.87 -22.77 -5.00
CA HIS A 830 -8.29 -23.05 -4.76
C HIS A 830 -8.66 -24.49 -5.07
N ASP A 831 -7.68 -25.37 -4.98
CA ASP A 831 -7.91 -26.81 -5.16
C ASP A 831 -9.09 -27.25 -4.33
N ILE A 832 -9.99 -28.00 -4.96
CA ILE A 832 -11.26 -28.34 -4.34
C ILE A 832 -11.13 -29.19 -3.06
N SER A 833 -9.98 -29.83 -2.88
CA SER A 833 -9.73 -30.59 -1.67
C SER A 833 -9.61 -29.67 -0.46
N GLY A 834 -9.34 -28.40 -0.73
CA GLY A 834 -9.03 -27.44 0.32
C GLY A 834 -7.60 -27.47 0.85
N LYS A 835 -6.72 -28.20 0.16
CA LYS A 835 -5.32 -28.36 0.59
C LYS A 835 -4.58 -27.02 0.63
N GLY A 836 -4.94 -26.09 -0.24
CA GLY A 836 -4.30 -24.78 -0.28
C GLY A 836 -4.74 -23.92 0.89
N TYR A 837 -6.03 -23.93 1.18
CA TYR A 837 -6.51 -23.22 2.36
C TYR A 837 -5.85 -23.77 3.65
N LYS A 838 -5.73 -25.09 3.70
CA LYS A 838 -5.16 -25.75 4.87
C LYS A 838 -3.71 -25.34 5.05
N LEU A 839 -2.99 -25.32 3.93
CA LEU A 839 -1.58 -24.93 3.92
C LEU A 839 -1.37 -23.49 4.40
N ILE A 840 -2.11 -22.54 3.83
CA ILE A 840 -1.93 -21.15 4.23
C ILE A 840 -2.38 -20.95 5.69
N ALA A 841 -3.43 -21.64 6.15
CA ALA A 841 -3.84 -21.51 7.55
C ALA A 841 -2.77 -22.03 8.52
N GLU A 842 -2.10 -23.12 8.14
CA GLU A 842 -0.99 -23.64 8.94
C GLU A 842 0.13 -22.61 9.04
N VAL A 843 0.42 -21.93 7.94
CA VAL A 843 1.44 -20.90 7.94
C VAL A 843 1.02 -19.69 8.77
N ILE A 844 -0.24 -19.28 8.67
CA ILE A 844 -0.74 -18.16 9.47
C ILE A 844 -0.60 -18.44 10.97
N THR A 845 -1.04 -19.62 11.39
CA THR A 845 -1.04 -19.98 12.80
C THR A 845 0.39 -20.08 13.32
N LYS A 846 1.27 -20.63 12.50
CA LYS A 846 2.69 -20.75 12.84
C LYS A 846 3.32 -19.36 12.99
N THR A 847 3.03 -18.48 12.03
CA THR A 847 3.59 -17.12 12.04
C THR A 847 3.04 -16.28 13.21
N ASP A 848 1.77 -16.49 13.55
CA ASP A 848 1.10 -15.75 14.62
C ASP A 848 1.77 -15.94 15.99
N LYS A 849 2.51 -17.04 16.16
CA LYS A 849 3.24 -17.29 17.40
C LYS A 849 4.33 -16.23 17.62
N PHE A 850 4.90 -15.68 16.55
CA PHE A 850 5.96 -14.70 16.73
C PHE A 850 5.70 -13.35 16.06
N ASN A 851 4.82 -13.29 15.06
CA ASN A 851 4.55 -12.02 14.40
C ASN A 851 3.08 -11.90 13.98
N PRO A 852 2.24 -11.37 14.88
CA PRO A 852 0.79 -11.26 14.60
C PRO A 852 0.45 -10.34 13.45
N MET A 853 1.23 -9.27 13.25
CA MET A 853 0.94 -8.38 12.15
C MET A 853 1.13 -9.12 10.82
N VAL A 854 2.20 -9.89 10.71
CA VAL A 854 2.44 -10.60 9.44
C VAL A 854 1.47 -11.80 9.30
N ALA A 855 1.10 -12.44 10.41
CA ALA A 855 0.06 -13.48 10.32
C ALA A 855 -1.23 -12.93 9.74
N THR A 856 -1.58 -11.71 10.10
CA THR A 856 -2.82 -11.13 9.60
C THR A 856 -2.68 -10.81 8.11
N GLN A 857 -1.49 -10.36 7.68
CA GLN A 857 -1.23 -10.17 6.26
C GLN A 857 -1.39 -11.45 5.46
N LEU A 858 -1.03 -12.58 6.06
CA LEU A 858 -1.09 -13.86 5.35
C LEU A 858 -2.54 -14.37 5.25
N CYS A 859 -3.45 -13.69 5.95
CA CYS A 859 -4.89 -13.98 5.86
C CYS A 859 -5.54 -13.45 4.59
N GLU A 860 -4.82 -12.61 3.85
CA GLU A 860 -5.38 -11.92 2.68
C GLU A 860 -6.24 -12.80 1.74
N PRO A 861 -5.78 -14.02 1.40
CA PRO A 861 -6.62 -14.81 0.49
C PRO A 861 -8.00 -15.12 1.05
N PHE A 862 -8.14 -15.12 2.37
CA PHE A 862 -9.41 -15.49 2.95
C PHE A 862 -10.42 -14.33 2.85
N LYS A 863 -9.98 -13.15 2.43
CA LYS A 863 -10.86 -11.99 2.49
C LYS A 863 -12.08 -12.15 1.58
N LEU A 864 -11.96 -12.96 0.54
CA LEU A 864 -13.08 -13.12 -0.38
C LEU A 864 -13.87 -14.39 -0.13
N TRP A 865 -13.68 -14.99 1.05
CA TRP A 865 -14.23 -16.33 1.31
C TRP A 865 -15.72 -16.44 1.02
N ASN A 866 -16.49 -15.39 1.31
CA ASN A 866 -17.94 -15.52 1.17
C ASN A 866 -18.41 -15.17 -0.25
N LYS A 867 -17.45 -14.94 -1.15
CA LYS A 867 -17.76 -14.72 -2.58
C LYS A 867 -17.64 -15.97 -3.44
N LEU A 868 -17.12 -17.05 -2.89
CA LEU A 868 -16.83 -18.24 -3.69
C LEU A 868 -18.01 -19.18 -3.70
N ASP A 869 -17.93 -20.20 -4.58
CA ASP A 869 -18.93 -21.26 -4.60
C ASP A 869 -19.07 -21.92 -3.24
N THR A 870 -20.24 -22.49 -2.98
CA THR A 870 -20.60 -22.87 -1.62
C THR A 870 -19.65 -23.90 -1.00
N LYS A 871 -19.08 -24.78 -1.81
CA LYS A 871 -18.11 -25.76 -1.30
C LYS A 871 -16.82 -25.08 -0.79
N ARG A 872 -16.27 -24.18 -1.59
CA ARG A 872 -15.05 -23.49 -1.20
C ARG A 872 -15.30 -22.51 -0.06
N GLN A 873 -16.50 -21.92 0.02
CA GLN A 873 -16.85 -21.12 1.19
C GLN A 873 -16.69 -21.94 2.46
N GLU A 874 -17.26 -23.13 2.44
CA GLU A 874 -17.23 -24.04 3.59
C GLU A 874 -15.81 -24.44 3.96
N LEU A 875 -14.99 -24.74 2.95
CA LEU A 875 -13.60 -25.12 3.18
C LEU A 875 -12.84 -23.98 3.85
N MET A 876 -12.97 -22.77 3.32
CA MET A 876 -12.27 -21.61 3.88
C MET A 876 -12.75 -21.31 5.29
N LEU A 877 -14.06 -21.36 5.47
CA LEU A 877 -14.66 -21.08 6.77
C LEU A 877 -14.15 -22.03 7.85
N ASN A 878 -14.09 -23.31 7.51
CA ASN A 878 -13.54 -24.34 8.39
CA ASN A 878 -13.53 -24.33 8.41
C ASN A 878 -12.12 -24.01 8.86
N GLU A 879 -11.28 -23.56 7.92
CA GLU A 879 -9.88 -23.20 8.23
C GLU A 879 -9.83 -21.97 9.11
N MET A 880 -10.71 -21.00 8.84
CA MET A 880 -10.71 -19.81 9.67
C MET A 880 -11.18 -20.15 11.08
N ASN A 881 -12.20 -20.99 11.19
CA ASN A 881 -12.67 -21.38 12.52
C ASN A 881 -11.63 -22.24 13.27
N THR A 882 -10.88 -23.05 12.52
CA THR A 882 -9.76 -23.80 13.12
C THR A 882 -8.71 -22.84 13.69
N MET A 883 -8.33 -21.84 12.89
CA MET A 883 -7.37 -20.82 13.35
C MET A 883 -7.91 -20.08 14.57
N LEU A 884 -9.20 -19.75 14.55
CA LEU A 884 -9.82 -19.01 15.66
C LEU A 884 -9.82 -19.82 16.95
N GLN A 885 -9.72 -21.14 16.84
CA GLN A 885 -9.78 -21.97 18.02
C GLN A 885 -8.41 -22.23 18.65
N GLU A 886 -7.34 -21.75 18.02
CA GLU A 886 -6.01 -21.90 18.62
C GLU A 886 -5.95 -21.15 19.96
N PRO A 887 -5.58 -21.86 21.04
CA PRO A 887 -5.55 -21.23 22.36
C PRO A 887 -4.64 -20.01 22.39
N GLN A 888 -3.54 -20.06 21.66
CA GLN A 888 -2.54 -19.02 21.79
C GLN A 888 -2.72 -17.87 20.79
N ILE A 889 -3.87 -17.82 20.13
CA ILE A 889 -4.12 -16.80 19.10
C ILE A 889 -3.94 -15.36 19.60
N SER A 890 -3.25 -14.55 18.80
CA SER A 890 -3.01 -13.16 19.13
C SER A 890 -4.31 -12.34 19.07
N ASN A 891 -4.33 -11.22 19.78
CA ASN A 891 -5.45 -10.29 19.71
C ASN A 891 -5.67 -9.81 18.28
N ASN A 892 -4.58 -9.47 17.60
CA ASN A 892 -4.62 -9.04 16.22
C ASN A 892 -5.31 -10.04 15.33
N LEU A 893 -4.85 -11.27 15.35
CA LEU A 893 -5.40 -12.28 14.45
C LEU A 893 -6.86 -12.62 14.83
N LYS A 894 -7.12 -12.68 16.13
CA LYS A 894 -8.47 -13.00 16.58
C LYS A 894 -9.46 -11.95 16.11
N GLU A 895 -9.13 -10.68 16.31
CA GLU A 895 -10.02 -9.60 15.91
C GLU A 895 -10.31 -9.69 14.43
N TYR A 896 -9.24 -9.91 13.67
CA TYR A 896 -9.33 -9.90 12.22
C TYR A 896 -10.23 -11.03 11.73
N LEU A 897 -10.06 -12.24 12.27
CA LEU A 897 -10.85 -13.38 11.82
C LEU A 897 -12.27 -13.31 12.35
N LEU A 898 -12.45 -12.75 13.55
CA LEU A 898 -13.80 -12.53 14.07
C LEU A 898 -14.60 -11.60 13.17
N ARG A 899 -13.97 -10.50 12.74
CA ARG A 899 -14.64 -9.55 11.85
C ARG A 899 -14.88 -10.18 10.50
N LEU A 900 -13.87 -10.88 9.98
CA LEU A 900 -13.95 -11.47 8.65
C LEU A 900 -15.04 -12.55 8.57
N THR A 901 -15.31 -13.22 9.69
CA THR A 901 -16.31 -14.30 9.68
C THR A 901 -17.61 -13.86 10.29
N ASN A 902 -17.81 -12.54 10.42
CA ASN A 902 -19.06 -12.01 10.99
C ASN A 902 -19.44 -12.55 12.36
N LYS A 903 -18.46 -12.81 13.22
CA LYS A 903 -18.73 -13.25 14.59
C LYS A 903 -18.48 -12.12 15.59
#